data_2DF8
#
_entry.id   2DF8
#
_cell.length_a   61.179
_cell.length_b   79.644
_cell.length_c   67.494
_cell.angle_alpha   90.00
_cell.angle_beta   105.24
_cell.angle_gamma   90.00
#
_symmetry.space_group_name_H-M   'P 1 21 1'
#
loop_
_entity.id
_entity.type
_entity.pdbx_description
1 polymer '325aa long hypothetical protein'
2 non-polymer 1-O-phosphono-beta-D-fructopyranose
3 non-polymer 1,2-ETHANEDIOL
4 water water
#
_entity_poly.entity_id   1
_entity_poly.type   'polypeptide(L)'
_entity_poly.pdbx_seq_one_letter_code
;MKTLIEIKQTPDGIIKADKVFNKVKDKISLPNRILYLGCGSSHFLSKLLAMVTNMHGGLGIALPCSEFLYSKETYPIGEV
ELAVGISRSGETTEILLALEKINVKKLGITTRESSLTRMCDYSLVVPAIEESVVMTHSFTSFYFAYLQLLRYSYGLPPLN
AGEISKATEKSLEYERYIREIVESFDFQNIIFLGSGLLYPVALEASLKMKEMSIFWSEAYPTFEVRHGFKAIADEKTLVV
LMVEEPFEWHEKLVKEFKNQGAKVLVISNSPQDLGQDYSIELPRLSKDANPIPYLPIVQLLSYYKAVSRGLNPDNPRFLD
KVVRW
;
_entity_poly.pdbx_strand_id   A,B
#
loop_
_chem_comp.id
_chem_comp.type
_chem_comp.name
_chem_comp.formula
EDO non-polymer 1,2-ETHANEDIOL 'C2 H6 O2'
F1P D-saccharide 1-O-phosphono-beta-D-fructopyranose 'C6 H13 O9 P'
#
# COMPACT_ATOMS: atom_id res chain seq x y z
N MET A 1 19.29 -24.98 7.10
CA MET A 1 18.77 -23.58 7.00
C MET A 1 19.57 -22.82 5.94
N LYS A 2 18.87 -22.13 5.05
CA LYS A 2 19.54 -21.35 4.00
C LYS A 2 19.26 -19.85 4.06
N THR A 3 18.16 -19.45 4.71
CA THR A 3 17.82 -18.04 4.78
C THR A 3 18.91 -17.12 5.32
N LEU A 4 19.50 -17.48 6.46
CA LEU A 4 20.55 -16.66 7.05
C LEU A 4 21.79 -16.60 6.15
N ILE A 5 22.17 -17.75 5.60
CA ILE A 5 23.32 -17.80 4.71
C ILE A 5 23.08 -16.88 3.53
N GLU A 6 21.87 -16.89 3.00
CA GLU A 6 21.54 -16.07 1.85
C GLU A 6 21.54 -14.57 2.20
N ILE A 7 21.07 -14.22 3.39
CA ILE A 7 21.10 -12.82 3.82
C ILE A 7 22.55 -12.36 3.84
N LYS A 8 23.43 -13.21 4.34
CA LYS A 8 24.85 -12.86 4.43
C LYS A 8 25.58 -12.81 3.10
N GLN A 9 24.93 -13.22 2.01
CA GLN A 9 25.58 -13.16 0.71
C GLN A 9 25.29 -11.81 0.04
N THR A 10 24.64 -10.92 0.78
CA THR A 10 24.31 -9.60 0.24
C THR A 10 25.53 -8.87 -0.35
N PRO A 11 26.65 -8.84 0.38
CA PRO A 11 27.83 -8.15 -0.16
C PRO A 11 28.26 -8.70 -1.51
N ASP A 12 28.33 -10.01 -1.62
CA ASP A 12 28.74 -10.64 -2.88
C ASP A 12 27.67 -10.42 -3.95
N GLY A 13 26.41 -10.32 -3.54
CA GLY A 13 25.34 -10.10 -4.48
C GLY A 13 25.53 -8.78 -5.23
N ILE A 14 26.03 -7.78 -4.51
CA ILE A 14 26.29 -6.47 -5.11
C ILE A 14 27.34 -6.59 -6.20
N ILE A 15 28.39 -7.37 -5.92
CA ILE A 15 29.48 -7.57 -6.87
C ILE A 15 28.95 -8.30 -8.10
N LYS A 16 28.14 -9.33 -7.88
CA LYS A 16 27.56 -10.09 -8.99
C LYS A 16 26.69 -9.19 -9.85
N ALA A 17 25.94 -8.30 -9.19
CA ALA A 17 25.06 -7.38 -9.89
C ALA A 17 25.86 -6.44 -10.78
N ASP A 18 26.97 -5.94 -10.26
CA ASP A 18 27.81 -5.01 -11.02
C ASP A 18 28.36 -5.70 -12.27
N LYS A 19 28.71 -6.97 -12.12
CA LYS A 19 29.25 -7.74 -13.24
C LYS A 19 28.20 -7.87 -14.35
N VAL A 20 26.95 -8.16 -13.97
CA VAL A 20 25.89 -8.29 -14.95
C VAL A 20 25.65 -6.95 -15.65
N PHE A 21 25.60 -5.89 -14.86
CA PHE A 21 25.40 -4.55 -15.40
C PHE A 21 26.42 -4.25 -16.50
N ASN A 22 27.70 -4.44 -16.19
CA ASN A 22 28.74 -4.16 -17.15
C ASN A 22 28.69 -5.02 -18.41
N LYS A 23 28.12 -6.22 -18.29
CA LYS A 23 28.02 -7.11 -19.44
C LYS A 23 26.92 -6.67 -20.40
N VAL A 24 25.82 -6.16 -19.85
CA VAL A 24 24.68 -5.76 -20.67
C VAL A 24 24.47 -4.27 -20.91
N LYS A 25 25.22 -3.42 -20.22
CA LYS A 25 25.03 -1.98 -20.34
C LYS A 25 24.95 -1.39 -21.74
N ASP A 26 25.70 -1.94 -22.69
CA ASP A 26 25.66 -1.41 -24.06
C ASP A 26 24.74 -2.20 -24.98
N LYS A 27 24.00 -3.15 -24.42
CA LYS A 27 23.07 -3.95 -25.20
C LYS A 27 21.63 -3.59 -24.87
N ILE A 28 21.44 -2.88 -23.78
CA ILE A 28 20.11 -2.47 -23.33
C ILE A 28 20.05 -0.98 -23.04
N SER A 29 19.13 -0.29 -23.71
CA SER A 29 18.95 1.15 -23.51
C SER A 29 17.62 1.38 -22.79
N LEU A 30 17.68 1.91 -21.58
CA LEU A 30 16.45 2.17 -20.82
C LEU A 30 15.85 3.51 -21.23
N PRO A 31 14.54 3.52 -21.54
CA PRO A 31 13.81 4.72 -21.96
C PRO A 31 13.32 5.59 -20.81
N ASN A 32 12.47 6.56 -21.13
CA ASN A 32 11.93 7.48 -20.15
C ASN A 32 10.72 6.93 -19.41
N ARG A 33 9.76 6.40 -20.16
CA ARG A 33 8.53 5.86 -19.59
C ARG A 33 8.64 4.35 -19.42
N ILE A 34 8.76 3.92 -18.17
CA ILE A 34 8.91 2.50 -17.89
C ILE A 34 7.85 1.96 -16.92
N LEU A 35 7.31 0.79 -17.25
CA LEU A 35 6.32 0.12 -16.42
C LEU A 35 7.02 -1.05 -15.73
N TYR A 36 6.86 -1.17 -14.42
CA TYR A 36 7.49 -2.24 -13.65
C TYR A 36 6.42 -3.18 -13.11
N LEU A 37 6.55 -4.46 -13.44
CA LEU A 37 5.59 -5.48 -13.00
C LEU A 37 6.25 -6.54 -12.14
N GLY A 38 5.57 -6.92 -11.07
CA GLY A 38 6.09 -7.95 -10.18
C GLY A 38 5.04 -8.37 -9.18
N CYS A 39 5.30 -9.45 -8.46
CA CYS A 39 4.37 -9.95 -7.44
C CYS A 39 5.08 -10.11 -6.11
N GLY A 40 4.36 -9.86 -5.02
CA GLY A 40 4.95 -9.99 -3.70
C GLY A 40 6.16 -9.11 -3.52
N SER A 41 7.27 -9.69 -3.05
CA SER A 41 8.50 -8.92 -2.87
C SER A 41 8.96 -8.30 -4.17
N SER A 42 8.71 -8.99 -5.29
CA SER A 42 9.10 -8.45 -6.59
C SER A 42 8.25 -7.23 -6.95
N HIS A 43 7.06 -7.12 -6.35
CA HIS A 43 6.22 -5.96 -6.60
C HIS A 43 6.80 -4.79 -5.80
N PHE A 44 7.22 -5.06 -4.57
CA PHE A 44 7.80 -4.01 -3.76
C PHE A 44 9.11 -3.53 -4.39
N LEU A 45 9.84 -4.43 -5.04
CA LEU A 45 11.07 -4.04 -5.72
C LEU A 45 10.68 -3.17 -6.91
N SER A 46 9.58 -3.53 -7.57
CA SER A 46 9.09 -2.76 -8.71
C SER A 46 8.76 -1.33 -8.28
N LYS A 47 8.16 -1.19 -7.10
CA LYS A 47 7.82 0.14 -6.58
C LYS A 47 9.09 0.94 -6.35
N LEU A 48 10.11 0.27 -5.80
CA LEU A 48 11.37 0.93 -5.53
C LEU A 48 12.03 1.39 -6.83
N LEU A 49 11.99 0.53 -7.85
CA LEU A 49 12.59 0.89 -9.14
C LEU A 49 11.82 2.01 -9.80
N ALA A 50 10.49 1.99 -9.69
CA ALA A 50 9.69 3.05 -10.27
C ALA A 50 10.06 4.38 -9.60
N MET A 51 10.20 4.36 -8.28
CA MET A 51 10.54 5.57 -7.54
C MET A 51 11.90 6.15 -7.93
N VAL A 52 12.90 5.28 -8.04
CA VAL A 52 14.23 5.77 -8.37
C VAL A 52 14.25 6.26 -9.82
N THR A 53 13.38 5.70 -10.66
CA THR A 53 13.29 6.14 -12.04
C THR A 53 12.78 7.58 -12.04
N ASN A 54 11.77 7.84 -11.21
CA ASN A 54 11.22 9.18 -11.12
C ASN A 54 12.26 10.14 -10.55
N MET A 55 13.00 9.66 -9.55
CA MET A 55 14.03 10.46 -8.90
C MET A 55 15.07 10.94 -9.90
N HIS A 56 15.38 10.10 -10.88
CA HIS A 56 16.38 10.45 -11.89
C HIS A 56 15.86 11.12 -13.16
N GLY A 57 14.62 11.61 -13.11
CA GLY A 57 14.07 12.31 -14.26
C GLY A 57 13.24 11.52 -15.25
N GLY A 58 13.05 10.24 -14.98
CA GLY A 58 12.25 9.41 -15.87
C GLY A 58 10.82 9.35 -15.36
N LEU A 59 10.02 8.45 -15.94
CA LEU A 59 8.64 8.28 -15.53
C LEU A 59 8.41 6.81 -15.28
N GLY A 60 8.39 6.43 -14.01
CA GLY A 60 8.18 5.03 -13.66
C GLY A 60 6.91 4.76 -12.88
N ILE A 61 6.24 3.67 -13.24
CA ILE A 61 5.01 3.26 -12.57
C ILE A 61 5.14 1.77 -12.28
N ALA A 62 4.72 1.37 -11.10
CA ALA A 62 4.79 -0.04 -10.71
C ALA A 62 3.40 -0.56 -10.36
N LEU A 63 3.11 -1.77 -10.81
CA LEU A 63 1.83 -2.39 -10.54
C LEU A 63 1.98 -3.87 -10.25
N PRO A 64 1.12 -4.41 -9.36
CA PRO A 64 1.22 -5.84 -9.06
C PRO A 64 0.74 -6.52 -10.35
N CYS A 65 1.31 -7.65 -10.71
CA CYS A 65 0.92 -8.31 -11.95
C CYS A 65 -0.58 -8.50 -12.15
N SER A 66 -1.27 -9.01 -11.14
CA SER A 66 -2.70 -9.25 -11.28
C SER A 66 -3.53 -7.98 -11.49
N GLU A 67 -3.07 -6.84 -10.98
CA GLU A 67 -3.81 -5.60 -11.18
C GLU A 67 -3.66 -5.14 -12.62
N PHE A 68 -2.51 -5.44 -13.23
CA PHE A 68 -2.30 -5.07 -14.62
C PHE A 68 -3.15 -6.00 -15.50
N LEU A 69 -3.25 -7.26 -15.08
CA LEU A 69 -4.02 -8.24 -15.83
C LEU A 69 -5.51 -8.00 -15.86
N TYR A 70 -6.09 -7.64 -14.71
CA TYR A 70 -7.52 -7.46 -14.61
C TYR A 70 -8.10 -6.07 -14.37
N SER A 71 -7.25 -5.11 -14.01
CA SER A 71 -7.75 -3.76 -13.73
C SER A 71 -6.83 -2.64 -14.20
N LYS A 72 -6.15 -2.84 -15.33
CA LYS A 72 -5.23 -1.83 -15.81
C LYS A 72 -5.84 -0.44 -16.05
N GLU A 73 -7.13 -0.40 -16.40
CA GLU A 73 -7.80 0.87 -16.69
C GLU A 73 -7.83 1.87 -15.52
N THR A 74 -7.65 1.35 -14.30
CA THR A 74 -7.68 2.22 -13.13
C THR A 74 -6.30 2.80 -12.78
N TYR A 75 -5.30 2.47 -13.59
CA TYR A 75 -3.96 2.95 -13.32
C TYR A 75 -3.43 3.88 -14.41
N PRO A 76 -2.59 4.86 -14.02
CA PRO A 76 -1.99 5.85 -14.92
C PRO A 76 -0.81 5.30 -15.72
N ILE A 77 -1.02 4.19 -16.40
CA ILE A 77 0.04 3.57 -17.19
C ILE A 77 0.44 4.40 -18.41
N GLY A 78 -0.54 4.83 -19.18
CA GLY A 78 -0.26 5.64 -20.36
C GLY A 78 0.62 4.94 -21.37
N GLU A 79 1.43 5.71 -22.09
CA GLU A 79 2.32 5.14 -23.09
C GLU A 79 3.51 4.49 -22.38
N VAL A 80 3.76 3.24 -22.72
CA VAL A 80 4.87 2.49 -22.14
C VAL A 80 5.95 2.26 -23.19
N GLU A 81 7.18 2.66 -22.88
CA GLU A 81 8.28 2.49 -23.81
C GLU A 81 9.05 1.20 -23.47
N LEU A 82 8.88 0.74 -22.24
CA LEU A 82 9.53 -0.50 -21.79
C LEU A 82 8.78 -1.09 -20.62
N ALA A 83 8.59 -2.42 -20.66
CA ALA A 83 7.93 -3.13 -19.58
C ALA A 83 9.01 -3.99 -18.93
N VAL A 84 9.17 -3.83 -17.63
CA VAL A 84 10.17 -4.60 -16.88
C VAL A 84 9.45 -5.62 -16.02
N GLY A 85 9.70 -6.90 -16.28
CA GLY A 85 9.06 -7.95 -15.51
C GLY A 85 10.05 -8.48 -14.49
N ILE A 86 9.72 -8.35 -13.21
CA ILE A 86 10.60 -8.79 -12.14
C ILE A 86 10.09 -10.07 -11.49
N SER A 87 10.92 -11.11 -11.52
CA SER A 87 10.57 -12.40 -10.95
C SER A 87 11.84 -13.17 -10.60
N ARG A 88 12.06 -13.36 -9.30
CA ARG A 88 13.24 -14.09 -8.82
C ARG A 88 13.31 -15.46 -9.48
N SER A 89 12.18 -16.16 -9.50
CA SER A 89 12.12 -17.50 -10.08
C SER A 89 12.04 -17.46 -11.60
N GLY A 90 11.36 -16.43 -12.12
CA GLY A 90 11.17 -16.29 -13.55
C GLY A 90 10.12 -17.28 -14.01
N GLU A 91 9.34 -17.80 -13.06
CA GLU A 91 8.32 -18.79 -13.37
C GLU A 91 6.92 -18.46 -12.88
N THR A 92 6.76 -17.36 -12.17
CA THR A 92 5.47 -16.95 -11.65
C THR A 92 4.46 -16.76 -12.78
N THR A 93 3.38 -17.54 -12.76
CA THR A 93 2.38 -17.50 -13.82
C THR A 93 1.90 -16.09 -14.16
N GLU A 94 1.56 -15.30 -13.14
CA GLU A 94 1.06 -13.96 -13.39
C GLU A 94 1.99 -13.06 -14.17
N ILE A 95 3.30 -13.20 -13.99
CA ILE A 95 4.22 -12.34 -14.73
C ILE A 95 4.29 -12.80 -16.18
N LEU A 96 4.17 -14.10 -16.40
CA LEU A 96 4.19 -14.63 -17.76
C LEU A 96 2.93 -14.16 -18.50
N LEU A 97 1.79 -14.22 -17.82
CA LEU A 97 0.54 -13.79 -18.40
C LEU A 97 0.53 -12.30 -18.69
N ALA A 98 1.13 -11.53 -17.79
CA ALA A 98 1.19 -10.08 -17.95
C ALA A 98 2.05 -9.68 -19.13
N LEU A 99 3.25 -10.24 -19.22
CA LEU A 99 4.15 -9.89 -20.31
C LEU A 99 3.67 -10.31 -21.69
N GLU A 100 2.96 -11.43 -21.79
CA GLU A 100 2.49 -11.85 -23.10
C GLU A 100 1.37 -10.96 -23.63
N LYS A 101 0.83 -10.10 -22.77
CA LYS A 101 -0.23 -9.18 -23.18
C LYS A 101 0.36 -7.84 -23.62
N ILE A 102 1.67 -7.68 -23.39
CA ILE A 102 2.37 -6.46 -23.73
C ILE A 102 3.11 -6.59 -25.07
N ASN A 103 3.02 -5.55 -25.90
CA ASN A 103 3.67 -5.57 -27.20
C ASN A 103 4.99 -4.79 -27.27
N VAL A 104 5.19 -3.85 -26.35
CA VAL A 104 6.41 -3.06 -26.35
C VAL A 104 7.59 -3.90 -25.86
N LYS A 105 8.78 -3.32 -25.92
CA LYS A 105 10.00 -3.98 -25.48
C LYS A 105 9.83 -4.51 -24.06
N LYS A 106 10.37 -5.69 -23.79
CA LYS A 106 10.27 -6.30 -22.47
C LYS A 106 11.63 -6.70 -21.90
N LEU A 107 11.89 -6.28 -20.67
CA LEU A 107 13.13 -6.61 -19.98
C LEU A 107 12.80 -7.43 -18.76
N GLY A 108 13.48 -8.56 -18.59
CA GLY A 108 13.24 -9.39 -17.43
C GLY A 108 14.35 -9.25 -16.41
N ILE A 109 14.01 -9.38 -15.13
CA ILE A 109 14.99 -9.32 -14.06
C ILE A 109 14.70 -10.59 -13.27
N THR A 110 15.67 -11.49 -13.23
CA THR A 110 15.48 -12.77 -12.56
C THR A 110 16.84 -13.34 -12.12
N THR A 111 16.82 -14.47 -11.42
CA THR A 111 18.07 -15.07 -10.98
C THR A 111 18.52 -16.19 -11.91
N ARG A 112 17.65 -16.61 -12.81
CA ARG A 112 17.99 -17.73 -13.69
C ARG A 112 17.28 -17.72 -15.05
N GLU A 113 17.89 -18.42 -16.01
CA GLU A 113 17.32 -18.57 -17.34
C GLU A 113 16.00 -19.25 -17.02
N SER A 114 14.90 -18.78 -17.61
CA SER A 114 13.60 -19.31 -17.25
C SER A 114 12.51 -18.98 -18.27
N SER A 115 11.27 -19.30 -17.91
CA SER A 115 10.14 -19.00 -18.79
C SER A 115 10.16 -17.50 -19.05
N LEU A 116 10.45 -16.72 -18.00
CA LEU A 116 10.49 -15.28 -18.12
C LEU A 116 11.51 -14.79 -19.15
N THR A 117 12.77 -15.21 -18.98
CA THR A 117 13.81 -14.75 -19.92
C THR A 117 13.50 -15.18 -21.35
N ARG A 118 12.82 -16.31 -21.51
CA ARG A 118 12.49 -16.80 -22.83
C ARG A 118 11.43 -15.99 -23.56
N MET A 119 10.68 -15.16 -22.84
CA MET A 119 9.65 -14.34 -23.48
C MET A 119 9.99 -12.84 -23.45
N CYS A 120 11.18 -12.50 -22.98
CA CYS A 120 11.61 -11.10 -22.94
C CYS A 120 12.60 -10.84 -24.06
N ASP A 121 12.78 -9.57 -24.40
CA ASP A 121 13.72 -9.20 -25.46
C ASP A 121 15.15 -9.28 -24.96
N TYR A 122 15.29 -9.08 -23.66
CA TYR A 122 16.58 -9.18 -22.98
C TYR A 122 16.29 -9.25 -21.49
N SER A 123 17.27 -9.67 -20.71
CA SER A 123 17.07 -9.78 -19.28
C SER A 123 18.33 -9.53 -18.47
N LEU A 124 18.12 -9.18 -17.21
CA LEU A 124 19.21 -8.98 -16.27
C LEU A 124 19.13 -10.24 -15.42
N VAL A 125 20.00 -11.20 -15.71
CA VAL A 125 20.03 -12.45 -14.96
C VAL A 125 21.11 -12.30 -13.90
N VAL A 126 20.70 -11.94 -12.69
CA VAL A 126 21.60 -11.74 -11.57
C VAL A 126 21.55 -13.01 -10.72
N PRO A 127 22.60 -13.83 -10.81
CA PRO A 127 22.72 -15.10 -10.08
C PRO A 127 22.81 -15.10 -8.56
N ALA A 128 21.95 -14.31 -7.91
CA ALA A 128 21.91 -14.26 -6.46
C ALA A 128 20.92 -15.37 -6.10
N ILE A 129 21.36 -16.61 -6.31
CA ILE A 129 20.53 -17.80 -6.08
C ILE A 129 20.03 -17.95 -4.65
N GLU A 130 18.74 -18.29 -4.51
CA GLU A 130 18.15 -18.48 -3.21
C GLU A 130 17.27 -19.72 -3.12
N GLU A 131 17.57 -20.58 -2.16
CA GLU A 131 16.80 -21.80 -1.95
C GLU A 131 15.66 -21.53 -0.98
N SER A 132 15.80 -20.47 -0.18
CA SER A 132 14.75 -20.12 0.77
C SER A 132 13.53 -19.62 0.01
N VAL A 133 12.34 -19.88 0.54
CA VAL A 133 11.11 -19.40 -0.08
C VAL A 133 11.09 -17.87 0.06
N VAL A 134 11.74 -17.37 1.10
CA VAL A 134 11.77 -15.93 1.34
C VAL A 134 12.92 -15.24 0.61
N MET A 135 12.56 -14.26 -0.21
CA MET A 135 13.55 -13.49 -0.98
C MET A 135 14.37 -12.60 -0.05
N THR A 136 15.69 -12.64 -0.19
CA THR A 136 16.54 -11.79 0.65
C THR A 136 17.55 -11.02 -0.18
N HIS A 137 18.78 -11.51 -0.28
CA HIS A 137 19.81 -10.78 -1.03
C HIS A 137 19.54 -10.56 -2.51
N SER A 138 18.62 -11.32 -3.11
CA SER A 138 18.32 -11.11 -4.52
C SER A 138 17.62 -9.77 -4.71
N PHE A 139 16.92 -9.31 -3.68
CA PHE A 139 16.21 -8.03 -3.74
C PHE A 139 17.22 -6.89 -3.95
N THR A 140 18.23 -6.82 -3.09
CA THR A 140 19.23 -5.75 -3.22
C THR A 140 20.12 -5.94 -4.45
N SER A 141 20.37 -7.19 -4.82
CA SER A 141 21.21 -7.47 -5.98
C SER A 141 20.50 -7.01 -7.25
N PHE A 142 19.22 -7.34 -7.37
CA PHE A 142 18.43 -6.92 -8.53
C PHE A 142 18.41 -5.40 -8.58
N TYR A 143 18.15 -4.79 -7.43
CA TYR A 143 18.08 -3.34 -7.36
C TYR A 143 19.36 -2.67 -7.85
N PHE A 144 20.50 -3.14 -7.36
CA PHE A 144 21.77 -2.53 -7.76
C PHE A 144 22.06 -2.71 -9.25
N ALA A 145 21.82 -3.90 -9.78
CA ALA A 145 22.08 -4.16 -11.18
C ALA A 145 21.29 -3.19 -12.06
N TYR A 146 20.00 -3.05 -11.78
CA TYR A 146 19.17 -2.16 -12.56
C TYR A 146 19.53 -0.70 -12.33
N LEU A 147 19.79 -0.34 -11.09
CA LEU A 147 20.15 1.05 -10.78
C LEU A 147 21.35 1.48 -11.61
N GLN A 148 22.36 0.62 -11.70
CA GLN A 148 23.55 0.94 -12.49
C GLN A 148 23.15 1.14 -13.94
N LEU A 149 22.32 0.25 -14.47
CA LEU A 149 21.87 0.35 -15.85
C LEU A 149 21.07 1.62 -16.09
N LEU A 150 20.27 2.01 -15.10
CA LEU A 150 19.45 3.21 -15.22
C LEU A 150 20.36 4.44 -15.25
N ARG A 151 21.31 4.50 -14.32
CA ARG A 151 22.22 5.64 -14.28
C ARG A 151 22.98 5.76 -15.59
N TYR A 152 23.51 4.63 -16.06
CA TYR A 152 24.27 4.61 -17.30
C TYR A 152 23.41 5.10 -18.47
N SER A 153 22.18 4.59 -18.53
CA SER A 153 21.23 4.95 -19.57
C SER A 153 20.87 6.42 -19.56
N TYR A 154 20.86 7.00 -18.36
CA TYR A 154 20.50 8.41 -18.20
C TYR A 154 21.69 9.36 -18.19
N GLY A 155 22.86 8.86 -18.59
CA GLY A 155 24.05 9.70 -18.66
C GLY A 155 24.70 10.09 -17.34
N LEU A 156 24.47 9.32 -16.30
CA LEU A 156 25.06 9.61 -15.00
C LEU A 156 26.27 8.71 -14.75
N PRO A 157 27.18 9.14 -13.87
CA PRO A 157 28.37 8.33 -13.57
C PRO A 157 27.99 7.06 -12.83
N PRO A 158 28.83 6.01 -12.93
CA PRO A 158 28.54 4.75 -12.26
C PRO A 158 28.76 4.78 -10.75
N LEU A 159 27.98 3.98 -10.04
CA LEU A 159 28.13 3.89 -8.59
C LEU A 159 29.33 2.98 -8.32
N ASN A 160 29.94 3.13 -7.15
CA ASN A 160 31.09 2.31 -6.78
C ASN A 160 30.59 1.04 -6.09
N ALA A 161 30.59 -0.07 -6.82
CA ALA A 161 30.11 -1.34 -6.30
C ALA A 161 30.83 -1.77 -5.02
N GLY A 162 32.15 -1.66 -5.02
CA GLY A 162 32.92 -2.04 -3.85
C GLY A 162 32.51 -1.30 -2.59
N GLU A 163 32.23 -0.02 -2.73
CA GLU A 163 31.84 0.81 -1.60
C GLU A 163 30.45 0.41 -1.09
N ILE A 164 29.55 0.12 -2.02
CA ILE A 164 28.20 -0.28 -1.66
C ILE A 164 28.20 -1.66 -1.03
N SER A 165 29.03 -2.55 -1.57
CA SER A 165 29.15 -3.90 -1.03
C SER A 165 29.68 -3.81 0.40
N LYS A 166 30.70 -2.97 0.60
CA LYS A 166 31.27 -2.79 1.93
C LYS A 166 30.21 -2.24 2.88
N ALA A 167 29.37 -1.35 2.38
CA ALA A 167 28.31 -0.77 3.20
C ALA A 167 27.41 -1.87 3.76
N THR A 168 27.09 -2.88 2.94
CA THR A 168 26.24 -3.96 3.41
C THR A 168 26.99 -4.86 4.39
N GLU A 169 28.32 -4.87 4.31
CA GLU A 169 29.11 -5.67 5.25
C GLU A 169 28.94 -5.00 6.61
N LYS A 170 28.83 -3.67 6.61
CA LYS A 170 28.64 -2.94 7.86
C LYS A 170 27.28 -3.26 8.43
N SER A 171 26.28 -3.40 7.57
CA SER A 171 24.93 -3.74 8.03
C SER A 171 24.98 -5.09 8.74
N LEU A 172 25.68 -6.04 8.15
CA LEU A 172 25.79 -7.37 8.73
C LEU A 172 26.51 -7.40 10.08
N GLU A 173 27.32 -6.38 10.36
CA GLU A 173 28.02 -6.30 11.64
C GLU A 173 27.04 -6.11 12.79
N TYR A 174 25.80 -5.74 12.46
CA TYR A 174 24.77 -5.53 13.47
C TYR A 174 24.03 -6.81 13.84
N GLU A 175 24.46 -7.95 13.28
CA GLU A 175 23.78 -9.21 13.57
C GLU A 175 23.59 -9.49 15.06
N ARG A 176 24.65 -9.35 15.86
CA ARG A 176 24.55 -9.60 17.29
C ARG A 176 23.55 -8.65 17.96
N TYR A 177 23.67 -7.36 17.63
CA TYR A 177 22.80 -6.35 18.19
C TYR A 177 21.34 -6.68 17.91
N ILE A 178 21.06 -7.05 16.66
CA ILE A 178 19.71 -7.39 16.23
C ILE A 178 19.20 -8.64 16.95
N ARG A 179 20.05 -9.66 17.03
CA ARG A 179 19.66 -10.88 17.70
C ARG A 179 19.31 -10.58 19.15
N GLU A 180 20.11 -9.75 19.81
CA GLU A 180 19.87 -9.42 21.20
C GLU A 180 18.60 -8.60 21.42
N ILE A 181 18.18 -7.82 20.43
CA ILE A 181 16.93 -7.07 20.57
C ILE A 181 15.79 -8.10 20.59
N VAL A 182 15.86 -9.06 19.67
CA VAL A 182 14.85 -10.10 19.60
C VAL A 182 14.80 -10.93 20.88
N GLU A 183 15.96 -11.19 21.46
CA GLU A 183 16.02 -11.98 22.69
C GLU A 183 15.59 -11.24 23.94
N SER A 184 15.66 -9.91 23.94
CA SER A 184 15.28 -9.13 25.11
C SER A 184 13.88 -8.50 25.10
N PHE A 185 13.40 -8.12 23.93
CA PHE A 185 12.07 -7.50 23.84
C PHE A 185 11.15 -8.39 23.00
N ASP A 186 10.27 -9.13 23.67
CA ASP A 186 9.37 -10.04 22.97
C ASP A 186 8.16 -9.32 22.39
N PHE A 187 8.39 -8.52 21.34
CA PHE A 187 7.30 -7.79 20.72
C PHE A 187 6.32 -8.75 20.07
N GLN A 188 5.04 -8.37 20.11
CA GLN A 188 3.97 -9.19 19.55
C GLN A 188 3.48 -8.71 18.20
N ASN A 189 3.83 -7.48 17.85
CA ASN A 189 3.50 -6.92 16.55
C ASN A 189 4.56 -5.88 16.23
N ILE A 190 4.63 -5.44 14.98
CA ILE A 190 5.67 -4.50 14.60
C ILE A 190 5.21 -3.62 13.46
N ILE A 191 5.75 -2.41 13.41
CA ILE A 191 5.42 -1.45 12.36
C ILE A 191 6.72 -0.91 11.77
N PHE A 192 6.84 -0.97 10.45
CA PHE A 192 8.02 -0.45 9.77
C PHE A 192 7.62 0.88 9.13
N LEU A 193 8.48 1.89 9.26
CA LEU A 193 8.19 3.21 8.71
C LEU A 193 9.32 3.70 7.82
N GLY A 194 8.96 4.32 6.69
CA GLY A 194 9.95 4.85 5.79
C GLY A 194 9.30 5.79 4.78
N SER A 195 10.07 6.74 4.27
CA SER A 195 9.55 7.71 3.28
C SER A 195 10.39 7.65 2.01
N GLY A 196 9.78 8.00 0.89
CA GLY A 196 10.50 7.97 -0.37
C GLY A 196 11.01 6.58 -0.67
N LEU A 197 12.27 6.46 -1.09
CA LEU A 197 12.80 5.15 -1.42
C LEU A 197 12.73 4.17 -0.26
N LEU A 198 12.67 4.68 0.97
CA LEU A 198 12.60 3.80 2.13
C LEU A 198 11.19 3.29 2.41
N TYR A 199 10.18 3.79 1.70
CA TYR A 199 8.84 3.29 1.92
C TYR A 199 8.73 1.88 1.34
N PRO A 200 9.21 1.66 0.11
CA PRO A 200 9.12 0.30 -0.43
C PRO A 200 9.98 -0.65 0.42
N VAL A 201 11.03 -0.12 1.04
CA VAL A 201 11.88 -0.95 1.89
C VAL A 201 11.08 -1.34 3.12
N ALA A 202 10.24 -0.42 3.61
CA ALA A 202 9.41 -0.71 4.77
C ALA A 202 8.38 -1.78 4.41
N LEU A 203 7.84 -1.69 3.19
CA LEU A 203 6.86 -2.68 2.73
C LEU A 203 7.52 -4.04 2.65
N GLU A 204 8.73 -4.09 2.09
CA GLU A 204 9.46 -5.35 1.95
C GLU A 204 9.83 -5.90 3.33
N ALA A 205 10.28 -5.02 4.22
CA ALA A 205 10.65 -5.44 5.57
C ALA A 205 9.46 -6.08 6.26
N SER A 206 8.29 -5.47 6.09
CA SER A 206 7.09 -5.99 6.73
C SER A 206 6.74 -7.37 6.17
N LEU A 207 6.93 -7.55 4.86
CA LEU A 207 6.62 -8.84 4.24
C LEU A 207 7.62 -9.89 4.75
N LYS A 208 8.87 -9.49 4.95
CA LYS A 208 9.87 -10.45 5.44
C LYS A 208 9.44 -10.97 6.80
N MET A 209 8.99 -10.06 7.67
CA MET A 209 8.55 -10.45 9.02
C MET A 209 7.29 -11.30 8.94
N LYS A 210 6.41 -10.95 8.02
CA LYS A 210 5.15 -11.65 7.83
C LYS A 210 5.40 -13.09 7.37
N GLU A 211 6.26 -13.25 6.36
CA GLU A 211 6.58 -14.57 5.82
C GLU A 211 7.44 -15.42 6.75
N MET A 212 8.54 -14.85 7.23
CA MET A 212 9.44 -15.60 8.10
C MET A 212 8.88 -15.96 9.47
N SER A 213 8.17 -15.02 10.09
CA SER A 213 7.65 -15.25 11.43
C SER A 213 6.14 -15.44 11.56
N ILE A 214 5.41 -15.47 10.45
CA ILE A 214 3.95 -15.62 10.48
C ILE A 214 3.48 -14.61 11.50
N PHE A 215 3.97 -13.39 11.31
CA PHE A 215 3.77 -12.29 12.25
C PHE A 215 2.84 -11.15 11.85
N TRP A 216 2.39 -10.41 12.86
CA TRP A 216 1.54 -9.25 12.68
C TRP A 216 2.51 -8.07 12.44
N SER A 217 2.70 -7.74 11.17
CA SER A 217 3.61 -6.67 10.80
C SER A 217 2.91 -5.71 9.82
N GLU A 218 3.21 -4.43 9.95
CA GLU A 218 2.62 -3.41 9.10
C GLU A 218 3.70 -2.44 8.63
N ALA A 219 3.41 -1.73 7.54
CA ALA A 219 4.35 -0.75 7.00
C ALA A 219 3.62 0.45 6.43
N TYR A 220 4.16 1.64 6.68
CA TYR A 220 3.53 2.88 6.22
C TYR A 220 4.53 3.96 5.88
N PRO A 221 4.10 4.95 5.07
CA PRO A 221 5.00 6.04 4.74
C PRO A 221 5.11 6.70 6.13
N THR A 222 6.33 6.97 6.56
CA THR A 222 6.59 7.53 7.89
C THR A 222 5.48 8.28 8.65
N PHE A 223 5.14 9.47 8.20
CA PHE A 223 4.15 10.25 8.92
C PHE A 223 2.69 9.90 8.75
N GLU A 224 2.38 9.03 7.80
CA GLU A 224 1.00 8.60 7.60
C GLU A 224 0.51 7.79 8.81
N VAL A 225 1.45 7.20 9.54
CA VAL A 225 1.09 6.36 10.67
C VAL A 225 0.27 7.04 11.77
N ARG A 226 0.40 8.35 11.92
CA ARG A 226 -0.36 9.07 12.94
C ARG A 226 -1.85 9.09 12.62
N HIS A 227 -2.17 8.89 11.34
CA HIS A 227 -3.55 8.94 10.89
C HIS A 227 -4.35 7.66 11.10
N GLY A 228 -4.52 7.30 12.37
CA GLY A 228 -5.28 6.12 12.73
C GLY A 228 -4.50 4.85 12.91
N PHE A 229 -3.56 4.58 12.02
CA PHE A 229 -2.76 3.36 12.08
C PHE A 229 -2.04 3.13 13.40
N LYS A 230 -1.56 4.21 14.03
CA LYS A 230 -0.83 4.10 15.29
C LYS A 230 -1.64 3.55 16.46
N ALA A 231 -2.95 3.44 16.28
CA ALA A 231 -3.82 2.93 17.33
C ALA A 231 -3.46 1.50 17.78
N ILE A 232 -2.83 0.74 16.89
CA ILE A 232 -2.48 -0.63 17.25
C ILE A 232 -1.07 -0.82 17.82
N ALA A 233 -0.43 0.29 18.19
CA ALA A 233 0.90 0.22 18.76
C ALA A 233 0.88 0.51 20.26
N ASP A 234 1.37 -0.45 21.06
CA ASP A 234 1.43 -0.25 22.50
C ASP A 234 2.69 -0.88 23.08
N GLU A 235 2.65 -1.27 24.35
CA GLU A 235 3.83 -1.84 24.98
C GLU A 235 4.29 -3.18 24.41
N LYS A 236 3.46 -3.79 23.57
CA LYS A 236 3.83 -5.07 22.95
C LYS A 236 4.32 -4.84 21.54
N THR A 237 4.49 -3.57 21.16
CA THR A 237 4.91 -3.21 19.82
C THR A 237 6.32 -2.67 19.64
N LEU A 238 6.97 -3.08 18.56
CA LEU A 238 8.28 -2.54 18.23
C LEU A 238 8.01 -1.70 16.99
N VAL A 239 8.46 -0.46 17.01
CA VAL A 239 8.29 0.43 15.86
C VAL A 239 9.68 0.61 15.27
N VAL A 240 9.81 0.32 13.98
CA VAL A 240 11.09 0.45 13.29
C VAL A 240 11.03 1.62 12.33
N LEU A 241 11.72 2.71 12.69
CA LEU A 241 11.75 3.91 11.87
C LEU A 241 13.02 3.95 11.04
N MET A 242 12.86 3.99 9.72
CA MET A 242 14.01 4.03 8.82
C MET A 242 14.05 5.41 8.19
N VAL A 243 15.13 6.13 8.43
CA VAL A 243 15.26 7.49 7.91
C VAL A 243 16.71 7.89 7.66
N GLU A 244 16.97 8.48 6.49
CA GLU A 244 18.30 8.90 6.13
C GLU A 244 18.73 10.17 6.86
N GLU A 245 17.90 11.21 6.75
CA GLU A 245 18.19 12.49 7.39
C GLU A 245 16.99 12.91 8.24
N PRO A 246 16.97 12.54 9.52
CA PRO A 246 15.84 12.90 10.39
C PRO A 246 15.78 14.38 10.76
N PHE A 247 14.56 14.85 11.00
CA PHE A 247 14.38 16.23 11.44
C PHE A 247 13.41 16.27 12.62
N GLU A 248 13.03 17.47 13.03
CA GLU A 248 12.16 17.66 14.17
C GLU A 248 10.96 16.70 14.28
N TRP A 249 10.23 16.52 13.19
CA TRP A 249 9.06 15.65 13.20
C TRP A 249 9.39 14.21 13.59
N HIS A 250 10.57 13.73 13.22
CA HIS A 250 10.92 12.35 13.56
C HIS A 250 11.10 12.17 15.05
N GLU A 251 11.70 13.14 15.72
CA GLU A 251 11.89 13.03 17.16
C GLU A 251 10.52 13.01 17.83
N LYS A 252 9.63 13.88 17.36
CA LYS A 252 8.28 13.95 17.91
C LYS A 252 7.55 12.62 17.71
N LEU A 253 7.71 12.03 16.53
CA LEU A 253 7.04 10.77 16.23
C LEU A 253 7.56 9.64 17.12
N VAL A 254 8.87 9.60 17.32
CA VAL A 254 9.48 8.58 18.17
C VAL A 254 8.91 8.71 19.58
N LYS A 255 8.86 9.94 20.08
CA LYS A 255 8.35 10.19 21.42
C LYS A 255 6.87 9.82 21.54
N GLU A 256 6.12 10.05 20.47
CA GLU A 256 4.69 9.74 20.48
C GLU A 256 4.48 8.23 20.63
N PHE A 257 5.30 7.43 19.96
CA PHE A 257 5.16 5.99 20.07
C PHE A 257 5.59 5.51 21.45
N LYS A 258 6.64 6.12 22.00
CA LYS A 258 7.10 5.73 23.33
C LYS A 258 6.03 6.10 24.36
N ASN A 259 5.30 7.16 24.11
CA ASN A 259 4.24 7.59 25.02
C ASN A 259 3.09 6.58 25.02
N GLN A 260 3.00 5.78 23.96
CA GLN A 260 1.96 4.75 23.86
C GLN A 260 2.48 3.45 24.47
N GLY A 261 3.75 3.47 24.87
CA GLY A 261 4.36 2.31 25.49
C GLY A 261 5.23 1.46 24.59
N ALA A 262 5.23 1.74 23.29
CA ALA A 262 6.02 0.98 22.34
C ALA A 262 7.50 1.29 22.43
N LYS A 263 8.32 0.35 21.97
CA LYS A 263 9.76 0.56 21.95
C LYS A 263 10.09 0.92 20.51
N VAL A 264 11.11 1.75 20.31
CA VAL A 264 11.46 2.19 18.98
C VAL A 264 12.89 1.91 18.56
N LEU A 265 13.04 1.31 17.38
CA LEU A 265 14.34 1.02 16.80
C LEU A 265 14.46 2.00 15.63
N VAL A 266 15.52 2.79 15.64
CA VAL A 266 15.74 3.74 14.55
C VAL A 266 16.93 3.25 13.74
N ILE A 267 16.71 3.06 12.44
CA ILE A 267 17.78 2.66 11.54
C ILE A 267 17.95 3.93 10.72
N SER A 268 19.15 4.52 10.76
CA SER A 268 19.36 5.77 10.03
C SER A 268 20.80 5.94 9.56
N ASN A 269 21.03 7.06 8.88
CA ASN A 269 22.36 7.42 8.40
C ASN A 269 22.81 8.64 9.19
N SER A 270 22.23 8.79 10.37
CA SER A 270 22.53 9.93 11.25
C SER A 270 22.86 9.48 12.67
N PRO A 271 23.73 10.24 13.36
CA PRO A 271 24.13 9.93 14.74
C PRO A 271 23.20 10.59 15.73
N GLN A 272 22.18 11.28 15.21
CA GLN A 272 21.22 11.99 16.05
C GLN A 272 20.38 11.10 16.94
N ASP A 273 20.26 11.48 18.21
CA ASP A 273 19.45 10.74 19.16
C ASP A 273 18.05 11.32 19.11
N LEU A 274 17.11 10.55 18.57
CA LEU A 274 15.72 10.98 18.46
C LEU A 274 14.91 10.46 19.64
N GLY A 275 15.58 9.76 20.54
CA GLY A 275 14.91 9.21 21.71
C GLY A 275 14.66 7.71 21.57
N GLN A 276 15.22 7.09 20.53
CA GLN A 276 15.02 5.67 20.30
C GLN A 276 15.58 4.75 21.38
N ASP A 277 14.96 3.58 21.52
CA ASP A 277 15.39 2.58 22.48
C ASP A 277 16.56 1.80 21.91
N TYR A 278 16.51 1.58 20.59
CA TYR A 278 17.56 0.86 19.88
C TYR A 278 17.98 1.71 18.69
N SER A 279 19.25 1.64 18.34
CA SER A 279 19.76 2.46 17.25
C SER A 279 20.76 1.73 16.37
N ILE A 280 20.56 1.84 15.06
CA ILE A 280 21.43 1.23 14.07
C ILE A 280 21.78 2.31 13.04
N GLU A 281 23.07 2.66 13.00
CA GLU A 281 23.57 3.67 12.07
C GLU A 281 24.27 2.98 10.90
N LEU A 282 23.82 3.30 9.69
CA LEU A 282 24.38 2.71 8.47
C LEU A 282 25.15 3.74 7.65
N PRO A 283 26.11 3.27 6.83
CA PRO A 283 26.91 4.19 6.01
C PRO A 283 26.02 4.92 5.00
N ARG A 284 26.16 6.23 4.92
CA ARG A 284 25.36 7.01 3.98
C ARG A 284 25.97 6.90 2.58
N LEU A 285 25.12 6.67 1.59
CA LEU A 285 25.57 6.52 0.21
C LEU A 285 24.83 7.48 -0.70
N SER A 286 25.10 7.39 -2.00
CA SER A 286 24.43 8.22 -3.00
C SER A 286 22.95 8.00 -2.70
N LYS A 287 22.14 9.05 -2.82
CA LYS A 287 20.72 8.94 -2.49
C LYS A 287 20.01 7.72 -3.07
N ASP A 288 20.29 7.39 -4.33
CA ASP A 288 19.63 6.23 -4.95
C ASP A 288 20.09 4.88 -4.42
N ALA A 289 21.34 4.79 -3.99
CA ALA A 289 21.88 3.54 -3.47
C ALA A 289 21.73 3.42 -1.96
N ASN A 290 21.47 4.54 -1.30
CA ASN A 290 21.35 4.58 0.15
C ASN A 290 20.42 3.54 0.80
N PRO A 291 19.32 3.15 0.14
CA PRO A 291 18.42 2.16 0.73
C PRO A 291 19.01 0.75 0.85
N ILE A 292 20.02 0.46 0.04
CA ILE A 292 20.62 -0.87 0.03
C ILE A 292 21.05 -1.45 1.39
N PRO A 293 21.82 -0.68 2.19
CA PRO A 293 22.24 -1.23 3.49
C PRO A 293 21.11 -1.53 4.48
N TYR A 294 19.93 -0.96 4.25
CA TYR A 294 18.79 -1.19 5.14
C TYR A 294 18.21 -2.59 5.01
N LEU A 295 18.28 -3.17 3.81
CA LEU A 295 17.70 -4.50 3.60
C LEU A 295 18.25 -5.61 4.49
N PRO A 296 19.57 -5.78 4.55
CA PRO A 296 20.03 -6.87 5.43
C PRO A 296 19.64 -6.68 6.90
N ILE A 297 19.46 -5.43 7.32
CA ILE A 297 19.07 -5.18 8.71
C ILE A 297 17.68 -5.76 8.97
N VAL A 298 16.71 -5.40 8.14
CA VAL A 298 15.35 -5.89 8.33
C VAL A 298 15.21 -7.39 8.07
N GLN A 299 16.06 -7.92 7.19
CA GLN A 299 16.04 -9.36 6.91
C GLN A 299 16.54 -10.10 8.14
N LEU A 300 17.61 -9.58 8.76
CA LEU A 300 18.15 -10.22 9.95
C LEU A 300 17.16 -10.16 11.11
N LEU A 301 16.46 -9.03 11.24
CA LEU A 301 15.48 -8.87 12.30
C LEU A 301 14.37 -9.91 12.15
N SER A 302 13.89 -10.05 10.92
CA SER A 302 12.82 -11.01 10.65
C SER A 302 13.29 -12.44 10.87
N TYR A 303 14.54 -12.72 10.48
CA TYR A 303 15.10 -14.06 10.64
C TYR A 303 15.19 -14.47 12.11
N TYR A 304 15.78 -13.60 12.93
CA TYR A 304 15.92 -13.93 14.34
C TYR A 304 14.59 -14.00 15.07
N LYS A 305 13.62 -13.18 14.66
CA LYS A 305 12.32 -13.24 15.31
C LYS A 305 11.72 -14.61 14.97
N ALA A 306 11.91 -15.07 13.74
CA ALA A 306 11.38 -16.36 13.31
C ALA A 306 11.99 -17.49 14.14
N VAL A 307 13.30 -17.47 14.30
CA VAL A 307 13.96 -18.50 15.09
C VAL A 307 13.46 -18.49 16.53
N SER A 308 13.24 -17.29 17.08
CA SER A 308 12.77 -17.16 18.46
C SER A 308 11.38 -17.76 18.65
N ARG A 309 10.68 -17.97 17.54
CA ARG A 309 9.33 -18.54 17.58
C ARG A 309 9.32 -19.99 17.08
N GLY A 310 10.51 -20.53 16.84
CA GLY A 310 10.62 -21.91 16.38
C GLY A 310 10.08 -22.14 14.98
N LEU A 311 10.10 -21.09 14.18
CA LEU A 311 9.61 -21.16 12.82
C LEU A 311 10.76 -21.31 11.82
N ASN A 312 10.47 -21.97 10.71
CA ASN A 312 11.46 -22.19 9.66
C ASN A 312 11.26 -21.20 8.53
N PRO A 313 12.08 -20.14 8.49
CA PRO A 313 11.98 -19.11 7.46
C PRO A 313 12.20 -19.63 6.04
N ASP A 314 12.85 -20.78 5.92
CA ASP A 314 13.12 -21.37 4.61
C ASP A 314 11.83 -21.83 3.93
N ASN A 315 10.90 -22.34 4.74
CA ASN A 315 9.63 -22.83 4.22
C ASN A 315 8.46 -22.43 5.11
N PRO A 316 7.99 -21.18 4.98
CA PRO A 316 6.85 -20.70 5.79
C PRO A 316 5.64 -21.56 5.50
N ARG A 317 4.79 -21.75 6.50
CA ARG A 317 3.59 -22.55 6.30
C ARG A 317 2.72 -21.96 5.20
N PHE A 318 2.03 -22.83 4.48
CA PHE A 318 1.12 -22.48 3.39
C PHE A 318 1.72 -21.90 2.12
N LEU A 319 3.00 -21.52 2.15
CA LEU A 319 3.59 -20.92 0.96
C LEU A 319 4.24 -21.83 -0.07
N ASP A 320 4.08 -21.47 -1.33
CA ASP A 320 4.69 -22.19 -2.44
C ASP A 320 5.77 -21.23 -2.90
N LYS A 321 6.95 -21.75 -3.21
CA LYS A 321 8.04 -20.90 -3.65
C LYS A 321 7.66 -20.13 -4.90
N VAL A 322 6.89 -20.77 -5.77
CA VAL A 322 6.42 -20.11 -6.99
C VAL A 322 4.91 -20.23 -7.05
N VAL A 323 4.25 -19.08 -7.18
CA VAL A 323 2.79 -19.04 -7.27
C VAL A 323 2.42 -19.28 -8.73
N ARG A 324 1.66 -20.34 -8.97
CA ARG A 324 1.21 -20.66 -10.32
C ARG A 324 -0.30 -20.78 -10.38
N TRP A 325 -0.84 -20.64 -11.59
CA TRP A 325 -2.28 -20.76 -11.84
C TRP A 325 -2.42 -21.63 -13.08
N LYS B 2 -21.89 7.51 18.25
CA LYS B 2 -22.21 8.30 17.03
C LYS B 2 -21.77 7.59 15.75
N THR B 3 -20.78 6.72 15.87
CA THR B 3 -20.26 6.00 14.72
C THR B 3 -21.34 5.25 13.95
N LEU B 4 -22.18 4.50 14.67
CA LEU B 4 -23.25 3.74 14.01
C LEU B 4 -24.28 4.65 13.37
N ILE B 5 -24.66 5.71 14.08
CA ILE B 5 -25.63 6.67 13.56
C ILE B 5 -25.09 7.26 12.26
N GLU B 6 -23.81 7.59 12.26
CA GLU B 6 -23.20 8.18 11.08
C GLU B 6 -23.13 7.21 9.91
N ILE B 7 -22.86 5.94 10.18
CA ILE B 7 -22.82 4.95 9.10
C ILE B 7 -24.20 4.88 8.46
N LYS B 8 -25.24 4.94 9.30
CA LYS B 8 -26.60 4.85 8.81
C LYS B 8 -27.10 6.09 8.08
N GLN B 9 -26.30 7.15 8.09
CA GLN B 9 -26.68 8.38 7.40
C GLN B 9 -26.15 8.36 5.97
N THR B 10 -25.55 7.24 5.57
CA THR B 10 -25.00 7.10 4.23
C THR B 10 -26.00 7.41 3.13
N PRO B 11 -27.23 6.87 3.22
CA PRO B 11 -28.20 7.17 2.15
C PRO B 11 -28.43 8.67 1.99
N ASP B 12 -28.60 9.38 3.11
CA ASP B 12 -28.82 10.82 3.05
C ASP B 12 -27.58 11.54 2.56
N GLY B 13 -26.41 10.99 2.91
CA GLY B 13 -25.17 11.58 2.48
C GLY B 13 -25.07 11.63 0.97
N ILE B 14 -25.60 10.61 0.31
CA ILE B 14 -25.57 10.56 -1.15
C ILE B 14 -26.42 11.70 -1.70
N ILE B 15 -27.57 11.93 -1.09
CA ILE B 15 -28.46 13.01 -1.53
C ILE B 15 -27.81 14.37 -1.32
N LYS B 16 -27.16 14.54 -0.17
CA LYS B 16 -26.48 15.80 0.13
C LYS B 16 -25.37 16.05 -0.86
N ALA B 17 -24.66 14.97 -1.23
CA ALA B 17 -23.57 15.06 -2.18
C ALA B 17 -24.05 15.52 -3.55
N ASP B 18 -25.17 14.95 -3.99
CA ASP B 18 -25.74 15.31 -5.29
C ASP B 18 -26.12 16.78 -5.32
N LYS B 19 -26.64 17.28 -4.21
CA LYS B 19 -27.03 18.68 -4.11
C LYS B 19 -25.81 19.60 -4.26
N VAL B 20 -24.72 19.24 -3.60
CA VAL B 20 -23.50 20.03 -3.68
C VAL B 20 -22.98 20.01 -5.11
N PHE B 21 -22.99 18.83 -5.72
CA PHE B 21 -22.53 18.69 -7.09
C PHE B 21 -23.28 19.65 -8.02
N ASN B 22 -24.60 19.64 -7.95
CA ASN B 22 -25.39 20.50 -8.80
C ASN B 22 -25.17 21.98 -8.55
N LYS B 23 -24.76 22.33 -7.33
CA LYS B 23 -24.49 23.73 -7.01
C LYS B 23 -23.20 24.24 -7.61
N VAL B 24 -22.18 23.38 -7.66
CA VAL B 24 -20.88 23.79 -8.18
C VAL B 24 -20.50 23.31 -9.58
N LYS B 25 -21.28 22.37 -10.13
CA LYS B 25 -20.94 21.81 -11.44
C LYS B 25 -20.57 22.76 -12.57
N ASP B 26 -21.20 23.93 -12.62
CA ASP B 26 -20.87 24.88 -13.69
C ASP B 26 -19.94 25.99 -13.26
N LYS B 27 -19.31 25.81 -12.11
CA LYS B 27 -18.37 26.80 -11.58
C LYS B 27 -16.94 26.29 -11.67
N ILE B 28 -16.79 24.98 -11.82
CA ILE B 28 -15.47 24.40 -11.95
C ILE B 28 -15.50 23.18 -12.86
N SER B 29 -14.53 23.13 -13.77
CA SER B 29 -14.42 22.04 -14.72
C SER B 29 -13.15 21.27 -14.41
N LEU B 30 -13.29 19.98 -14.08
CA LEU B 30 -12.14 19.16 -13.77
C LEU B 30 -11.37 18.83 -15.05
N PRO B 31 -10.04 19.05 -15.03
CA PRO B 31 -9.17 18.80 -16.18
C PRO B 31 -8.73 17.35 -16.31
N ASN B 32 -7.80 17.11 -17.24
CA ASN B 32 -7.28 15.78 -17.49
C ASN B 32 -6.25 15.29 -16.47
N ARG B 33 -5.26 16.14 -16.18
CA ARG B 33 -4.20 15.77 -15.23
C ARG B 33 -4.51 16.29 -13.83
N ILE B 34 -4.83 15.37 -12.92
CA ILE B 34 -5.18 15.76 -11.55
C ILE B 34 -4.36 15.06 -10.48
N LEU B 35 -3.90 15.84 -9.51
CA LEU B 35 -3.13 15.31 -8.38
C LEU B 35 -4.07 15.31 -7.17
N TYR B 36 -4.14 14.18 -6.48
CA TYR B 36 -5.01 14.03 -5.31
C TYR B 36 -4.18 13.86 -4.06
N LEU B 37 -4.44 14.69 -3.05
CA LEU B 37 -3.70 14.64 -1.79
C LEU B 37 -4.62 14.46 -0.58
N GLY B 38 -4.19 13.62 0.35
CA GLY B 38 -4.96 13.39 1.56
C GLY B 38 -4.17 12.54 2.54
N CYS B 39 -4.68 12.41 3.77
CA CYS B 39 -4.02 11.61 4.80
C CYS B 39 -5.00 10.58 5.36
N GLY B 40 -4.47 9.43 5.76
CA GLY B 40 -5.30 8.39 6.33
C GLY B 40 -6.41 7.97 5.38
N SER B 41 -7.64 7.95 5.88
CA SER B 41 -8.78 7.57 5.06
C SER B 41 -8.93 8.51 3.88
N SER B 42 -8.53 9.77 4.04
CA SER B 42 -8.63 10.72 2.95
C SER B 42 -7.59 10.42 1.88
N HIS B 43 -6.53 9.69 2.26
CA HIS B 43 -5.54 9.29 1.29
C HIS B 43 -6.12 8.13 0.50
N PHE B 44 -6.79 7.21 1.18
CA PHE B 44 -7.40 6.09 0.48
C PHE B 44 -8.48 6.60 -0.46
N LEU B 45 -9.19 7.64 -0.05
CA LEU B 45 -10.21 8.21 -0.93
C LEU B 45 -9.49 8.84 -2.11
N SER B 46 -8.35 9.47 -1.86
CA SER B 46 -7.58 10.08 -2.93
C SER B 46 -7.18 9.03 -3.96
N LYS B 47 -6.80 7.85 -3.49
CA LYS B 47 -6.42 6.77 -4.40
C LYS B 47 -7.62 6.34 -5.23
N LEU B 48 -8.78 6.28 -4.59
CA LEU B 48 -10.00 5.89 -5.28
C LEU B 48 -10.35 6.91 -6.35
N LEU B 49 -10.24 8.20 -6.03
CA LEU B 49 -10.54 9.25 -7.00
C LEU B 49 -9.55 9.22 -8.16
N ALA B 50 -8.29 8.95 -7.85
CA ALA B 50 -7.26 8.88 -8.88
C ALA B 50 -7.61 7.73 -9.82
N MET B 51 -8.01 6.60 -9.26
CA MET B 51 -8.37 5.44 -10.07
C MET B 51 -9.53 5.68 -11.00
N VAL B 52 -10.60 6.29 -10.49
CA VAL B 52 -11.77 6.53 -11.31
C VAL B 52 -11.47 7.58 -12.36
N THR B 53 -10.51 8.46 -12.08
CA THR B 53 -10.12 9.50 -13.04
C THR B 53 -9.46 8.79 -14.22
N ASN B 54 -8.59 7.83 -13.93
CA ASN B 54 -7.92 7.08 -14.98
C ASN B 54 -8.94 6.24 -15.75
N MET B 55 -9.89 5.65 -15.01
CA MET B 55 -10.91 4.81 -15.64
C MET B 55 -11.70 5.60 -16.68
N HIS B 56 -11.95 6.88 -16.40
CA HIS B 56 -12.72 7.71 -17.33
C HIS B 56 -11.89 8.45 -18.38
N GLY B 57 -10.63 8.06 -18.55
CA GLY B 57 -9.81 8.67 -19.57
C GLY B 57 -8.88 9.80 -19.16
N GLY B 58 -8.89 10.16 -17.88
CA GLY B 58 -8.01 11.21 -17.42
C GLY B 58 -6.73 10.61 -16.87
N LEU B 59 -5.94 11.43 -16.18
CA LEU B 59 -4.69 10.97 -15.60
C LEU B 59 -4.64 11.42 -14.14
N GLY B 60 -4.93 10.50 -13.24
CA GLY B 60 -4.93 10.83 -11.84
C GLY B 60 -3.84 10.14 -11.04
N ILE B 61 -3.25 10.88 -10.11
CA ILE B 61 -2.20 10.35 -9.25
C ILE B 61 -2.55 10.74 -7.82
N ALA B 62 -2.36 9.83 -6.88
CA ALA B 62 -2.68 10.10 -5.48
C ALA B 62 -1.47 9.85 -4.61
N LEU B 63 -1.25 10.73 -3.64
CA LEU B 63 -0.12 10.59 -2.72
C LEU B 63 -0.47 11.08 -1.33
N PRO B 64 0.13 10.48 -0.30
CA PRO B 64 -0.17 10.92 1.07
C PRO B 64 0.46 12.31 1.18
N CYS B 65 -0.18 13.20 1.94
CA CYS B 65 0.35 14.55 2.07
C CYS B 65 1.81 14.63 2.45
N SER B 66 2.22 13.86 3.46
CA SER B 66 3.60 13.90 3.90
C SER B 66 4.60 13.41 2.86
N GLU B 67 4.16 12.53 1.96
CA GLU B 67 5.08 12.06 0.92
C GLU B 67 5.25 13.17 -0.11
N PHE B 68 4.22 13.97 -0.32
CA PHE B 68 4.29 15.08 -1.26
C PHE B 68 5.19 16.16 -0.65
N LEU B 69 5.05 16.34 0.67
CA LEU B 69 5.83 17.35 1.37
C LEU B 69 7.33 17.08 1.43
N TYR B 70 7.69 15.83 1.72
CA TYR B 70 9.09 15.49 1.89
C TYR B 70 9.79 14.59 0.88
N SER B 71 9.05 13.92 0.01
CA SER B 71 9.67 13.04 -0.96
C SER B 71 8.97 13.06 -2.32
N LYS B 72 8.54 14.24 -2.76
CA LYS B 72 7.84 14.32 -4.03
C LYS B 72 8.62 13.84 -5.25
N GLU B 73 9.94 13.95 -5.20
CA GLU B 73 10.80 13.57 -6.32
C GLU B 73 10.71 12.08 -6.69
N THR B 74 10.22 11.25 -5.78
CA THR B 74 10.12 9.82 -6.05
C THR B 74 8.79 9.43 -6.68
N TYR B 75 7.93 10.42 -6.90
CA TYR B 75 6.62 10.18 -7.48
C TYR B 75 6.42 10.81 -8.86
N PRO B 76 5.70 10.12 -9.76
CA PRO B 76 5.42 10.57 -11.12
C PRO B 76 4.28 11.58 -11.16
N ILE B 77 4.51 12.76 -10.60
CA ILE B 77 3.50 13.79 -10.55
C ILE B 77 3.40 14.55 -11.88
N GLY B 78 4.54 14.94 -12.44
CA GLY B 78 4.53 15.66 -13.69
C GLY B 78 3.73 16.95 -13.62
N GLU B 79 3.23 17.41 -14.77
CA GLU B 79 2.46 18.63 -14.82
C GLU B 79 1.07 18.40 -14.22
N VAL B 80 0.66 19.30 -13.33
CA VAL B 80 -0.63 19.20 -12.68
C VAL B 80 -1.53 20.34 -13.11
N GLU B 81 -2.73 20.00 -13.59
CA GLU B 81 -3.68 21.01 -14.02
C GLU B 81 -4.60 21.38 -12.86
N LEU B 82 -4.74 20.47 -11.91
CA LEU B 82 -5.56 20.71 -10.74
C LEU B 82 -5.06 19.85 -9.59
N ALA B 83 -4.99 20.45 -8.40
CA ALA B 83 -4.58 19.73 -7.20
C ALA B 83 -5.82 19.65 -6.33
N VAL B 84 -6.19 18.45 -5.93
CA VAL B 84 -7.36 18.24 -5.09
C VAL B 84 -6.91 17.84 -3.70
N GLY B 85 -7.29 18.65 -2.71
CA GLY B 85 -6.92 18.37 -1.33
C GLY B 85 -8.14 17.85 -0.61
N ILE B 86 -8.05 16.63 -0.10
CA ILE B 86 -9.15 16.00 0.61
C ILE B 86 -8.90 15.96 2.11
N SER B 87 -9.85 16.52 2.87
CA SER B 87 -9.76 16.55 4.32
C SER B 87 -11.15 16.72 4.92
N ARG B 88 -11.60 15.69 5.64
CA ARG B 88 -12.92 15.73 6.27
C ARG B 88 -13.04 16.94 7.18
N SER B 89 -12.01 17.17 7.98
CA SER B 89 -12.00 18.30 8.91
C SER B 89 -11.66 19.60 8.22
N GLY B 90 -10.75 19.53 7.24
CA GLY B 90 -10.30 20.73 6.55
C GLY B 90 -9.30 21.45 7.42
N GLU B 91 -8.77 20.76 8.43
CA GLU B 91 -7.83 21.36 9.37
C GLU B 91 -6.52 20.60 9.54
N THR B 92 -6.40 19.44 8.90
CA THR B 92 -5.19 18.63 9.01
C THR B 92 -3.94 19.42 8.60
N THR B 93 -3.02 19.59 9.54
CA THR B 93 -1.83 20.38 9.28
C THR B 93 -1.08 19.99 8.00
N GLU B 94 -0.88 18.70 7.78
CA GLU B 94 -0.16 18.23 6.60
C GLU B 94 -0.77 18.65 5.27
N ILE B 95 -2.10 18.65 5.18
CA ILE B 95 -2.72 19.02 3.92
C ILE B 95 -2.60 20.53 3.70
N LEU B 96 -2.64 21.30 4.78
CA LEU B 96 -2.52 22.75 4.68
C LEU B 96 -1.10 23.10 4.25
N LEU B 97 -0.12 22.38 4.79
CA LEU B 97 1.27 22.62 4.43
C LEU B 97 1.51 22.27 2.97
N ALA B 98 0.88 21.19 2.53
CA ALA B 98 1.03 20.73 1.15
C ALA B 98 0.45 21.74 0.15
N LEU B 99 -0.75 22.21 0.43
CA LEU B 99 -1.40 23.16 -0.47
C LEU B 99 -0.72 24.52 -0.58
N GLU B 100 -0.08 24.98 0.49
CA GLU B 100 0.57 26.28 0.44
C GLU B 100 1.80 26.25 -0.46
N LYS B 101 2.26 25.04 -0.80
CA LYS B 101 3.42 24.88 -1.66
C LYS B 101 3.00 24.73 -3.11
N ILE B 102 1.70 24.57 -3.32
CA ILE B 102 1.15 24.38 -4.67
C ILE B 102 0.68 25.69 -5.31
N ASN B 103 1.11 25.90 -6.54
CA ASN B 103 0.76 27.11 -7.29
C ASN B 103 -0.40 26.93 -8.26
N VAL B 104 -0.63 25.70 -8.70
CA VAL B 104 -1.72 25.45 -9.64
C VAL B 104 -3.07 25.54 -8.96
N LYS B 105 -4.14 25.50 -9.75
CA LYS B 105 -5.50 25.58 -9.23
C LYS B 105 -5.71 24.51 -8.16
N LYS B 106 -6.43 24.88 -7.10
CA LYS B 106 -6.71 23.99 -5.99
C LYS B 106 -8.18 23.81 -5.67
N LEU B 107 -8.60 22.54 -5.54
CA LEU B 107 -9.96 22.21 -5.20
C LEU B 107 -9.95 21.44 -3.89
N GLY B 108 -10.72 21.90 -2.92
CA GLY B 108 -10.77 21.21 -1.65
C GLY B 108 -12.03 20.38 -1.54
N ILE B 109 -11.96 19.27 -0.80
CA ILE B 109 -13.10 18.40 -0.56
C ILE B 109 -13.11 18.24 0.95
N THR B 110 -14.17 18.75 1.57
CA THR B 110 -14.27 18.71 3.02
C THR B 110 -15.72 18.77 3.47
N THR B 111 -15.96 18.63 4.77
CA THR B 111 -17.33 18.67 5.28
C THR B 111 -17.70 20.07 5.77
N ARG B 112 -16.73 20.97 5.86
CA ARG B 112 -17.03 22.30 6.39
C ARG B 112 -16.12 23.43 5.96
N GLU B 113 -16.62 24.65 6.11
CA GLU B 113 -15.84 25.85 5.81
C GLU B 113 -14.70 25.69 6.80
N SER B 114 -13.47 25.85 6.32
CA SER B 114 -12.33 25.61 7.18
C SER B 114 -11.04 26.24 6.66
N SER B 115 -9.92 25.93 7.32
CA SER B 115 -8.63 26.43 6.90
C SER B 115 -8.40 26.00 5.46
N LEU B 116 -8.81 24.76 5.15
CA LEU B 116 -8.66 24.21 3.82
C LEU B 116 -9.40 24.99 2.75
N THR B 117 -10.68 25.26 2.97
CA THR B 117 -11.46 25.99 1.97
C THR B 117 -10.90 27.40 1.75
N ARG B 118 -10.28 27.97 2.78
CA ARG B 118 -9.72 29.31 2.65
C ARG B 118 -8.45 29.36 1.81
N MET B 119 -7.80 28.21 1.61
CA MET B 119 -6.60 28.20 0.80
C MET B 119 -6.79 27.54 -0.56
N CYS B 120 -8.04 27.19 -0.88
CA CYS B 120 -8.36 26.58 -2.15
C CYS B 120 -9.11 27.57 -3.01
N ASP B 121 -9.06 27.38 -4.32
CA ASP B 121 -9.74 28.28 -5.26
C ASP B 121 -11.23 27.96 -5.30
N TYR B 122 -11.55 26.68 -5.12
CA TYR B 122 -12.91 26.20 -5.11
C TYR B 122 -12.96 25.02 -4.15
N SER B 123 -14.15 24.68 -3.67
CA SER B 123 -14.28 23.56 -2.75
C SER B 123 -15.61 22.87 -2.84
N LEU B 124 -15.60 21.57 -2.56
CA LEU B 124 -16.80 20.76 -2.54
C LEU B 124 -17.03 20.56 -1.05
N VAL B 125 -17.95 21.35 -0.49
CA VAL B 125 -18.24 21.22 0.92
C VAL B 125 -19.48 20.35 1.06
N VAL B 126 -19.23 19.07 1.33
CA VAL B 126 -20.30 18.08 1.49
C VAL B 126 -20.52 17.91 2.99
N PRO B 127 -21.63 18.47 3.50
CA PRO B 127 -22.01 18.43 4.93
C PRO B 127 -22.37 17.08 5.54
N ALA B 128 -21.55 16.07 5.31
CA ALA B 128 -21.75 14.76 5.89
C ALA B 128 -20.97 14.84 7.21
N ILE B 129 -21.49 15.64 8.13
CA ILE B 129 -20.88 15.88 9.43
C ILE B 129 -20.70 14.62 10.28
N GLU B 130 -19.54 14.51 10.91
CA GLU B 130 -19.24 13.36 11.75
C GLU B 130 -18.55 13.74 13.06
N GLU B 131 -19.12 13.26 14.17
CA GLU B 131 -18.57 13.50 15.50
C GLU B 131 -17.54 12.43 15.81
N SER B 132 -17.71 11.25 15.23
CA SER B 132 -16.79 10.15 15.45
C SER B 132 -15.41 10.45 14.88
N VAL B 133 -14.38 9.95 15.57
CA VAL B 133 -13.01 10.11 15.10
C VAL B 133 -12.86 9.31 13.80
N VAL B 134 -13.62 8.23 13.67
CA VAL B 134 -13.55 7.38 12.49
C VAL B 134 -14.47 7.86 11.37
N MET B 135 -13.87 8.11 10.21
CA MET B 135 -14.60 8.57 9.03
C MET B 135 -15.47 7.44 8.49
N THR B 136 -16.74 7.73 8.25
CA THR B 136 -17.63 6.72 7.69
C THR B 136 -18.37 7.23 6.47
N HIS B 137 -19.60 7.71 6.66
CA HIS B 137 -20.39 8.17 5.51
C HIS B 137 -19.83 9.36 4.73
N SER B 138 -18.92 10.12 5.32
CA SER B 138 -18.33 11.24 4.60
C SER B 138 -17.45 10.73 3.46
N PHE B 139 -16.87 9.54 3.63
CA PHE B 139 -16.02 8.96 2.61
C PHE B 139 -16.89 8.70 1.38
N THR B 140 -18.01 8.03 1.61
CA THR B 140 -18.95 7.67 0.56
C THR B 140 -19.57 8.91 -0.09
N SER B 141 -19.92 9.90 0.73
CA SER B 141 -20.52 11.12 0.24
C SER B 141 -19.55 11.95 -0.58
N PHE B 142 -18.31 12.06 -0.12
CA PHE B 142 -17.28 12.79 -0.84
C PHE B 142 -17.08 12.15 -2.22
N TYR B 143 -16.94 10.83 -2.22
CA TYR B 143 -16.73 10.12 -3.46
C TYR B 143 -17.82 10.41 -4.49
N PHE B 144 -19.09 10.27 -4.08
CA PHE B 144 -20.19 10.50 -5.00
C PHE B 144 -20.22 11.91 -5.55
N ALA B 145 -20.03 12.90 -4.68
CA ALA B 145 -20.04 14.30 -5.11
C ALA B 145 -18.98 14.54 -6.18
N TYR B 146 -17.77 14.06 -5.91
CA TYR B 146 -16.68 14.26 -6.87
C TYR B 146 -16.90 13.45 -8.15
N LEU B 147 -17.41 12.23 -8.01
CA LEU B 147 -17.66 11.39 -9.18
C LEU B 147 -18.65 12.07 -10.12
N GLN B 148 -19.71 12.64 -9.56
CA GLN B 148 -20.69 13.33 -10.38
C GLN B 148 -20.01 14.48 -11.12
N LEU B 149 -19.18 15.24 -10.40
CA LEU B 149 -18.49 16.36 -10.99
C LEU B 149 -17.51 15.90 -12.09
N LEU B 150 -16.84 14.78 -11.85
CA LEU B 150 -15.89 14.24 -12.82
C LEU B 150 -16.62 13.78 -14.10
N ARG B 151 -17.69 13.02 -13.93
CA ARG B 151 -18.45 12.55 -15.08
C ARG B 151 -18.95 13.75 -15.88
N TYR B 152 -19.48 14.74 -15.16
CA TYR B 152 -20.01 15.94 -15.80
C TYR B 152 -18.93 16.68 -16.59
N SER B 153 -17.78 16.87 -15.96
CA SER B 153 -16.66 17.56 -16.61
C SER B 153 -16.14 16.81 -17.83
N TYR B 154 -16.24 15.48 -17.79
CA TYR B 154 -15.77 14.65 -18.90
C TYR B 154 -16.81 14.36 -19.96
N GLY B 155 -17.95 15.04 -19.89
CA GLY B 155 -18.99 14.85 -20.89
C GLY B 155 -19.83 13.59 -20.79
N LEU B 156 -19.88 12.99 -19.60
CA LEU B 156 -20.67 11.78 -19.39
C LEU B 156 -21.99 12.12 -18.70
N PRO B 157 -23.02 11.27 -18.90
CA PRO B 157 -24.33 11.51 -18.28
C PRO B 157 -24.25 11.39 -16.76
N PRO B 158 -25.11 12.11 -16.04
CA PRO B 158 -25.12 12.07 -14.58
C PRO B 158 -25.62 10.75 -14.01
N LEU B 159 -25.12 10.40 -12.83
CA LEU B 159 -25.55 9.18 -12.16
C LEU B 159 -26.87 9.52 -11.48
N ASN B 160 -27.67 8.50 -11.23
CA ASN B 160 -28.95 8.69 -10.57
C ASN B 160 -28.74 8.60 -9.06
N ALA B 161 -28.69 9.77 -8.41
CA ALA B 161 -28.47 9.83 -6.97
C ALA B 161 -29.48 9.00 -6.16
N GLY B 162 -30.73 9.02 -6.58
CA GLY B 162 -31.76 8.28 -5.87
C GLY B 162 -31.50 6.78 -5.91
N GLU B 163 -31.09 6.28 -7.07
CA GLU B 163 -30.83 4.85 -7.23
C GLU B 163 -29.66 4.42 -6.36
N ILE B 164 -28.61 5.25 -6.33
CA ILE B 164 -27.42 4.94 -5.56
C ILE B 164 -27.71 5.04 -4.06
N SER B 165 -28.48 6.04 -3.65
CA SER B 165 -28.83 6.19 -2.25
C SER B 165 -29.63 4.97 -1.80
N LYS B 166 -30.58 4.55 -2.62
CA LYS B 166 -31.38 3.37 -2.29
C LYS B 166 -30.51 2.13 -2.22
N ALA B 167 -29.44 2.10 -3.01
CA ALA B 167 -28.53 0.97 -3.02
C ALA B 167 -27.85 0.86 -1.65
N THR B 168 -27.51 1.99 -1.05
CA THR B 168 -26.88 1.97 0.25
C THR B 168 -27.87 1.57 1.34
N GLU B 169 -29.16 1.81 1.10
CA GLU B 169 -30.17 1.41 2.07
C GLU B 169 -30.18 -0.11 2.08
N LYS B 170 -29.95 -0.72 0.91
CA LYS B 170 -29.91 -2.17 0.81
C LYS B 170 -28.72 -2.70 1.60
N SER B 171 -27.59 -1.99 1.53
CA SER B 171 -26.41 -2.42 2.27
C SER B 171 -26.73 -2.46 3.76
N LEU B 172 -27.44 -1.44 4.22
CA LEU B 172 -27.81 -1.35 5.63
C LEU B 172 -28.75 -2.45 6.12
N GLU B 173 -29.45 -3.10 5.19
CA GLU B 173 -30.35 -4.18 5.57
C GLU B 173 -29.56 -5.36 6.10
N TYR B 174 -28.27 -5.40 5.78
CA TYR B 174 -27.40 -6.49 6.22
C TYR B 174 -26.87 -6.32 7.64
N GLU B 175 -27.28 -5.26 8.33
CA GLU B 175 -26.79 -5.00 9.69
C GLU B 175 -26.90 -6.20 10.64
N ARG B 176 -28.08 -6.80 10.73
CA ARG B 176 -28.26 -7.96 11.61
C ARG B 176 -27.39 -9.15 11.19
N TYR B 177 -27.29 -9.38 9.89
CA TYR B 177 -26.48 -10.48 9.37
C TYR B 177 -25.01 -10.27 9.74
N ILE B 178 -24.55 -9.03 9.61
CA ILE B 178 -23.16 -8.70 9.93
C ILE B 178 -22.92 -8.90 11.43
N ARG B 179 -23.91 -8.53 12.24
CA ARG B 179 -23.79 -8.71 13.68
C ARG B 179 -23.67 -10.20 13.98
N GLU B 180 -24.40 -11.02 13.22
CA GLU B 180 -24.37 -12.47 13.41
C GLU B 180 -22.99 -13.04 13.07
N ILE B 181 -22.35 -12.50 12.04
CA ILE B 181 -21.02 -12.95 11.65
C ILE B 181 -20.09 -12.73 12.83
N VAL B 182 -20.14 -11.52 13.39
CA VAL B 182 -19.30 -11.16 14.52
C VAL B 182 -19.58 -12.04 15.73
N GLU B 183 -20.85 -12.39 15.92
CA GLU B 183 -21.25 -13.23 17.05
C GLU B 183 -20.90 -14.70 16.89
N SER B 184 -21.03 -15.21 15.67
CA SER B 184 -20.79 -16.63 15.41
C SER B 184 -19.35 -17.03 15.10
N PHE B 185 -18.52 -16.09 14.68
CA PHE B 185 -17.12 -16.38 14.37
C PHE B 185 -16.21 -15.33 15.00
N ASP B 186 -15.61 -15.68 16.13
CA ASP B 186 -14.73 -14.77 16.85
C ASP B 186 -13.32 -14.73 16.22
N PHE B 187 -13.22 -14.13 15.03
CA PHE B 187 -11.94 -14.06 14.35
C PHE B 187 -10.94 -13.16 15.10
N GLN B 188 -9.67 -13.50 14.99
CA GLN B 188 -8.60 -12.77 15.68
C GLN B 188 -7.84 -11.82 14.75
N ASN B 189 -7.97 -12.03 13.45
CA ASN B 189 -7.36 -11.14 12.48
C ASN B 189 -8.20 -11.22 11.22
N ILE B 190 -8.00 -10.28 10.31
CA ILE B 190 -8.83 -10.24 9.12
C ILE B 190 -8.07 -9.67 7.93
N ILE B 191 -8.45 -10.13 6.74
CA ILE B 191 -7.83 -9.67 5.50
C ILE B 191 -8.91 -9.22 4.53
N PHE B 192 -8.78 -8.00 4.01
CA PHE B 192 -9.72 -7.47 3.04
C PHE B 192 -9.06 -7.54 1.67
N LEU B 193 -9.80 -8.02 0.68
CA LEU B 193 -9.28 -8.16 -0.68
C LEU B 193 -10.17 -7.45 -1.68
N GLY B 194 -9.53 -6.77 -2.64
CA GLY B 194 -10.27 -6.06 -3.66
C GLY B 194 -9.36 -5.69 -4.81
N SER B 195 -9.92 -5.55 -6.00
CA SER B 195 -9.14 -5.20 -7.19
C SER B 195 -9.71 -3.94 -7.84
N GLY B 196 -8.85 -3.17 -8.48
CA GLY B 196 -9.32 -1.95 -9.13
C GLY B 196 -9.92 -1.01 -8.11
N LEU B 197 -11.10 -0.47 -8.41
CA LEU B 197 -11.73 0.47 -7.50
C LEU B 197 -12.00 -0.13 -6.12
N LEU B 198 -12.09 -1.45 -6.03
CA LEU B 198 -12.33 -2.08 -4.74
C LEU B 198 -11.06 -2.27 -3.90
N TYR B 199 -9.90 -2.00 -4.48
CA TYR B 199 -8.67 -2.11 -3.71
C TYR B 199 -8.62 -0.97 -2.68
N PRO B 200 -8.87 0.29 -3.12
CA PRO B 200 -8.83 1.35 -2.11
C PRO B 200 -9.93 1.13 -1.07
N VAL B 201 -11.01 0.46 -1.48
CA VAL B 201 -12.10 0.18 -0.54
C VAL B 201 -11.60 -0.83 0.48
N ALA B 202 -10.77 -1.78 0.03
CA ALA B 202 -10.21 -2.78 0.94
C ALA B 202 -9.27 -2.10 1.93
N LEU B 203 -8.50 -1.13 1.44
CA LEU B 203 -7.57 -0.39 2.29
C LEU B 203 -8.34 0.39 3.34
N GLU B 204 -9.41 1.04 2.91
CA GLU B 204 -10.25 1.82 3.83
C GLU B 204 -10.91 0.88 4.85
N ALA B 205 -11.42 -0.25 4.36
CA ALA B 205 -12.07 -1.23 5.24
C ALA B 205 -11.11 -1.67 6.33
N SER B 206 -9.88 -1.96 5.93
CA SER B 206 -8.87 -2.41 6.88
C SER B 206 -8.60 -1.33 7.93
N LEU B 207 -8.55 -0.07 7.50
CA LEU B 207 -8.30 1.01 8.44
C LEU B 207 -9.48 1.15 9.41
N LYS B 208 -10.70 0.97 8.93
CA LYS B 208 -11.87 1.07 9.80
C LYS B 208 -11.75 0.03 10.91
N MET B 209 -11.41 -1.20 10.54
CA MET B 209 -11.27 -2.29 11.50
C MET B 209 -10.14 -2.01 12.47
N LYS B 210 -9.04 -1.48 11.93
CA LYS B 210 -7.87 -1.15 12.73
C LYS B 210 -8.18 -0.08 13.78
N GLU B 211 -8.82 1.01 13.35
CA GLU B 211 -9.15 2.11 14.24
C GLU B 211 -10.25 1.76 15.24
N MET B 212 -11.39 1.30 14.73
CA MET B 212 -12.51 0.97 15.59
C MET B 212 -12.23 -0.18 16.55
N SER B 213 -11.56 -1.22 16.06
CA SER B 213 -11.32 -2.39 16.88
C SER B 213 -9.93 -2.62 17.44
N ILE B 214 -8.98 -1.73 17.14
CA ILE B 214 -7.59 -1.88 17.63
C ILE B 214 -7.25 -3.31 17.25
N PHE B 215 -7.54 -3.61 15.99
CA PHE B 215 -7.42 -4.95 15.44
C PHE B 215 -6.31 -5.22 14.42
N TRP B 216 -5.99 -6.49 14.26
CA TRP B 216 -4.99 -6.92 13.29
C TRP B 216 -5.76 -7.12 11.98
N SER B 217 -5.66 -6.13 11.10
CA SER B 217 -6.35 -6.17 9.81
C SER B 217 -5.40 -5.80 8.70
N GLU B 218 -5.54 -6.48 7.57
CA GLU B 218 -4.70 -6.23 6.41
C GLU B 218 -5.55 -6.11 5.15
N ALA B 219 -4.97 -5.54 4.09
CA ALA B 219 -5.68 -5.36 2.83
C ALA B 219 -4.71 -5.49 1.66
N TYR B 220 -5.15 -6.18 0.61
CA TYR B 220 -4.31 -6.39 -0.57
C TYR B 220 -5.09 -6.47 -1.87
N PRO B 221 -4.41 -6.22 -2.99
CA PRO B 221 -5.09 -6.31 -4.28
C PRO B 221 -5.41 -7.81 -4.30
N THR B 222 -6.64 -8.17 -4.61
CA THR B 222 -7.10 -9.57 -4.58
C THR B 222 -6.09 -10.69 -4.70
N PHE B 223 -5.54 -10.88 -5.89
CA PHE B 223 -4.61 -11.99 -6.11
C PHE B 223 -3.18 -11.83 -5.61
N GLU B 224 -2.83 -10.64 -5.14
CA GLU B 224 -1.47 -10.42 -4.62
C GLU B 224 -1.31 -11.19 -3.32
N VAL B 225 -2.42 -11.45 -2.64
CA VAL B 225 -2.38 -12.12 -1.34
C VAL B 225 -1.71 -13.49 -1.32
N ARG B 226 -1.71 -14.20 -2.45
CA ARG B 226 -1.09 -15.51 -2.48
C ARG B 226 0.43 -15.41 -2.37
N HIS B 227 0.97 -14.23 -2.62
CA HIS B 227 2.41 -14.02 -2.60
C HIS B 227 3.02 -13.73 -1.23
N GLY B 228 2.94 -14.73 -0.36
CA GLY B 228 3.49 -14.61 0.99
C GLY B 228 2.53 -14.13 2.05
N PHE B 229 1.73 -13.13 1.71
CA PHE B 229 0.78 -12.55 2.66
C PHE B 229 -0.19 -13.56 3.27
N LYS B 230 -0.62 -14.53 2.47
CA LYS B 230 -1.58 -15.52 2.96
C LYS B 230 -1.07 -16.39 4.09
N ALA B 231 0.23 -16.33 4.37
CA ALA B 231 0.80 -17.14 5.44
C ALA B 231 0.21 -16.85 6.83
N ILE B 232 -0.34 -15.65 7.03
CA ILE B 232 -0.90 -15.30 8.33
C ILE B 232 -2.40 -15.57 8.46
N ALA B 233 -2.97 -16.30 7.50
CA ALA B 233 -4.39 -16.62 7.56
C ALA B 233 -4.61 -18.09 7.94
N ASP B 234 -5.32 -18.32 9.04
CA ASP B 234 -5.63 -19.68 9.46
C ASP B 234 -7.03 -19.77 10.05
N GLU B 235 -7.26 -20.72 10.95
CA GLU B 235 -8.59 -20.89 11.53
C GLU B 235 -9.12 -19.70 12.33
N LYS B 236 -8.23 -18.77 12.66
CA LYS B 236 -8.65 -17.60 13.44
C LYS B 236 -8.83 -16.38 12.54
N THR B 237 -8.77 -16.60 11.23
CA THR B 237 -8.86 -15.51 10.27
C THR B 237 -10.14 -15.43 9.46
N LEU B 238 -10.65 -14.22 9.27
CA LEU B 238 -11.80 -14.01 8.41
C LEU B 238 -11.21 -13.30 7.19
N VAL B 239 -11.50 -13.82 6.01
CA VAL B 239 -11.03 -13.22 4.77
C VAL B 239 -12.26 -12.62 4.10
N VAL B 240 -12.18 -11.33 3.78
CA VAL B 240 -13.29 -10.64 3.14
C VAL B 240 -12.93 -10.31 1.70
N LEU B 241 -13.51 -11.06 0.77
CA LEU B 241 -13.25 -10.86 -0.65
C LEU B 241 -14.35 -10.00 -1.25
N MET B 242 -13.98 -8.84 -1.79
CA MET B 242 -14.93 -7.94 -2.40
C MET B 242 -14.69 -7.97 -3.91
N VAL B 243 -15.70 -8.42 -4.65
CA VAL B 243 -15.56 -8.54 -6.10
C VAL B 243 -16.88 -8.32 -6.83
N GLU B 244 -16.84 -7.51 -7.88
CA GLU B 244 -18.04 -7.21 -8.65
C GLU B 244 -18.47 -8.39 -9.53
N GLU B 245 -17.56 -8.85 -10.37
CA GLU B 245 -17.83 -9.95 -11.28
C GLU B 245 -16.74 -11.00 -11.12
N PRO B 246 -16.96 -11.98 -10.23
CA PRO B 246 -15.96 -13.02 -10.01
C PRO B 246 -15.82 -14.03 -11.14
N PHE B 247 -14.63 -14.62 -11.24
CA PHE B 247 -14.38 -15.66 -12.24
C PHE B 247 -13.67 -16.83 -11.55
N GLU B 248 -13.29 -17.84 -12.33
CA GLU B 248 -12.67 -19.03 -11.77
C GLU B 248 -11.57 -18.81 -10.72
N TRP B 249 -10.68 -17.86 -10.95
CA TRP B 249 -9.62 -17.59 -10.00
C TRP B 249 -10.14 -17.26 -8.61
N HIS B 250 -11.30 -16.59 -8.55
CA HIS B 250 -11.87 -16.24 -7.25
C HIS B 250 -12.35 -17.48 -6.50
N GLU B 251 -12.93 -18.43 -7.22
CA GLU B 251 -13.39 -19.65 -6.58
C GLU B 251 -12.17 -20.37 -6.02
N LYS B 252 -11.12 -20.44 -6.81
CA LYS B 252 -9.90 -21.12 -6.37
C LYS B 252 -9.30 -20.43 -5.16
N LEU B 253 -9.33 -19.10 -5.13
CA LEU B 253 -8.78 -18.35 -4.00
C LEU B 253 -9.57 -18.61 -2.72
N VAL B 254 -10.89 -18.64 -2.82
CA VAL B 254 -11.72 -18.89 -1.66
C VAL B 254 -11.38 -20.27 -1.11
N LYS B 255 -11.30 -21.25 -1.99
CA LYS B 255 -10.98 -22.62 -1.61
C LYS B 255 -9.61 -22.69 -0.94
N GLU B 256 -8.66 -21.93 -1.48
CA GLU B 256 -7.30 -21.89 -0.94
C GLU B 256 -7.30 -21.41 0.52
N PHE B 257 -8.06 -20.37 0.80
CA PHE B 257 -8.12 -19.85 2.16
C PHE B 257 -8.84 -20.81 3.10
N LYS B 258 -9.91 -21.43 2.61
CA LYS B 258 -10.64 -22.37 3.45
C LYS B 258 -9.76 -23.58 3.78
N ASN B 259 -8.88 -23.95 2.85
CA ASN B 259 -7.98 -25.07 3.08
C ASN B 259 -6.98 -24.75 4.20
N GLN B 260 -6.75 -23.46 4.44
CA GLN B 260 -5.84 -23.04 5.52
C GLN B 260 -6.63 -22.93 6.81
N GLY B 261 -7.94 -23.17 6.73
CA GLY B 261 -8.79 -23.11 7.91
C GLY B 261 -9.54 -21.81 8.10
N ALA B 262 -9.23 -20.80 7.29
CA ALA B 262 -9.90 -19.51 7.42
C ALA B 262 -11.34 -19.56 6.93
N LYS B 263 -12.15 -18.61 7.41
CA LYS B 263 -13.52 -18.51 6.95
C LYS B 263 -13.54 -17.36 5.96
N VAL B 264 -14.43 -17.43 4.98
CA VAL B 264 -14.49 -16.40 3.95
C VAL B 264 -15.84 -15.73 3.77
N LEU B 265 -15.83 -14.40 3.76
CA LEU B 265 -17.02 -13.61 3.53
C LEU B 265 -16.83 -12.99 2.16
N VAL B 266 -17.79 -13.23 1.26
CA VAL B 266 -17.71 -12.64 -0.07
C VAL B 266 -18.77 -11.56 -0.20
N ILE B 267 -18.33 -10.36 -0.56
CA ILE B 267 -19.23 -9.23 -0.78
C ILE B 267 -19.09 -9.03 -2.28
N SER B 268 -20.18 -9.20 -3.01
CA SER B 268 -20.13 -9.07 -4.47
C SER B 268 -21.42 -8.58 -5.07
N ASN B 269 -21.43 -8.48 -6.39
CA ASN B 269 -22.62 -8.08 -7.13
C ASN B 269 -22.99 -9.26 -8.01
N SER B 270 -22.66 -10.45 -7.52
CA SER B 270 -22.92 -11.69 -8.24
C SER B 270 -23.65 -12.72 -7.39
N PRO B 271 -24.49 -13.55 -8.03
CA PRO B 271 -25.24 -14.58 -7.30
C PRO B 271 -24.44 -15.87 -7.15
N GLN B 272 -23.25 -15.89 -7.74
CA GLN B 272 -22.37 -17.06 -7.71
C GLN B 272 -21.90 -17.55 -6.36
N ASP B 273 -21.90 -18.87 -6.19
CA ASP B 273 -21.42 -19.49 -4.95
C ASP B 273 -19.97 -19.87 -5.22
N LEU B 274 -19.06 -19.16 -4.57
CA LEU B 274 -17.63 -19.41 -4.74
C LEU B 274 -17.11 -20.33 -3.65
N GLY B 275 -18.02 -20.79 -2.79
CA GLY B 275 -17.66 -21.66 -1.70
C GLY B 275 -17.49 -20.89 -0.40
N GLN B 276 -17.91 -19.61 -0.40
CA GLN B 276 -17.79 -18.77 0.77
C GLN B 276 -18.65 -19.22 1.95
N ASP B 277 -18.25 -18.84 3.15
CA ASP B 277 -18.98 -19.17 4.37
C ASP B 277 -20.08 -18.15 4.63
N TYR B 278 -19.79 -16.89 4.30
CA TYR B 278 -20.71 -15.79 4.48
C TYR B 278 -20.84 -15.09 3.14
N SER B 279 -22.04 -14.59 2.81
CA SER B 279 -22.25 -13.94 1.54
C SER B 279 -23.14 -12.70 1.61
N ILE B 280 -22.67 -11.63 0.99
CA ILE B 280 -23.42 -10.38 0.96
C ILE B 280 -23.45 -9.92 -0.49
N GLU B 281 -24.66 -9.89 -1.06
CA GLU B 281 -24.87 -9.49 -2.45
C GLU B 281 -25.42 -8.07 -2.48
N LEU B 282 -24.72 -7.19 -3.21
CA LEU B 282 -25.13 -5.80 -3.31
C LEU B 282 -25.62 -5.42 -4.69
N PRO B 283 -26.48 -4.38 -4.78
CA PRO B 283 -27.01 -3.96 -6.07
C PRO B 283 -25.88 -3.51 -6.99
N ARG B 284 -25.87 -3.99 -8.22
CA ARG B 284 -24.83 -3.60 -9.17
C ARG B 284 -25.18 -2.25 -9.78
N LEU B 285 -24.21 -1.35 -9.79
CA LEU B 285 -24.41 0.00 -10.32
C LEU B 285 -23.38 0.26 -11.41
N SER B 286 -23.43 1.48 -11.96
CA SER B 286 -22.48 1.90 -12.98
C SER B 286 -21.12 1.52 -12.38
N LYS B 287 -20.23 0.98 -13.20
CA LYS B 287 -18.92 0.54 -12.71
C LYS B 287 -18.23 1.51 -11.76
N ASP B 288 -18.23 2.79 -12.11
CA ASP B 288 -17.59 3.80 -11.26
C ASP B 288 -18.28 4.02 -9.92
N ALA B 289 -19.61 3.90 -9.89
CA ALA B 289 -20.36 4.10 -8.65
C ALA B 289 -20.52 2.81 -7.84
N ASN B 290 -20.29 1.68 -8.49
CA ASN B 290 -20.45 0.37 -7.87
C ASN B 290 -19.78 0.14 -6.50
N PRO B 291 -18.65 0.80 -6.23
CA PRO B 291 -18.02 0.57 -4.93
C PRO B 291 -18.79 1.16 -3.74
N ILE B 292 -19.62 2.16 -4.00
CA ILE B 292 -20.36 2.83 -2.93
C ILE B 292 -21.10 1.96 -1.91
N PRO B 293 -21.90 0.98 -2.37
CA PRO B 293 -22.62 0.12 -1.42
C PRO B 293 -21.73 -0.77 -0.54
N TYR B 294 -20.47 -0.93 -0.94
CA TYR B 294 -19.55 -1.76 -0.15
C TYR B 294 -19.10 -1.07 1.13
N LEU B 295 -19.01 0.26 1.12
CA LEU B 295 -18.55 0.98 2.29
C LEU B 295 -19.36 0.77 3.55
N PRO B 296 -20.69 0.92 3.49
CA PRO B 296 -21.45 0.71 4.73
C PRO B 296 -21.30 -0.71 5.28
N ILE B 297 -21.09 -1.68 4.40
CA ILE B 297 -20.93 -3.06 4.84
C ILE B 297 -19.66 -3.22 5.68
N VAL B 298 -18.52 -2.75 5.16
CA VAL B 298 -17.28 -2.89 5.91
C VAL B 298 -17.24 -2.00 7.15
N GLN B 299 -17.95 -0.88 7.11
CA GLN B 299 -18.01 0.01 8.26
C GLN B 299 -18.81 -0.68 9.37
N LEU B 300 -19.93 -1.32 9.00
CA LEU B 300 -20.74 -2.03 9.99
C LEU B 300 -19.98 -3.21 10.61
N LEU B 301 -19.23 -3.93 9.78
CA LEU B 301 -18.47 -5.08 10.25
C LEU B 301 -17.44 -4.62 11.29
N SER B 302 -16.78 -3.51 10.99
CA SER B 302 -15.76 -2.96 11.88
C SER B 302 -16.41 -2.46 13.17
N TYR B 303 -17.57 -1.83 13.04
CA TYR B 303 -18.28 -1.30 14.20
C TYR B 303 -18.69 -2.41 15.18
N TYR B 304 -19.34 -3.45 14.66
CA TYR B 304 -19.79 -4.52 15.54
C TYR B 304 -18.66 -5.36 16.13
N LYS B 305 -17.55 -5.49 15.41
CA LYS B 305 -16.44 -6.24 15.95
C LYS B 305 -15.87 -5.41 17.11
N ALA B 306 -15.86 -4.10 16.94
CA ALA B 306 -15.35 -3.19 17.97
C ALA B 306 -16.19 -3.32 19.24
N VAL B 307 -17.50 -3.27 19.08
CA VAL B 307 -18.40 -3.39 20.23
C VAL B 307 -18.22 -4.75 20.93
N SER B 308 -17.98 -5.79 20.15
CA SER B 308 -17.79 -7.13 20.71
C SER B 308 -16.53 -7.23 21.56
N ARG B 309 -15.66 -6.24 21.43
CA ARG B 309 -14.41 -6.21 22.19
C ARG B 309 -14.49 -5.15 23.29
N GLY B 310 -15.70 -4.64 23.52
CA GLY B 310 -15.92 -3.62 24.55
C GLY B 310 -15.28 -2.28 24.27
N LEU B 311 -14.97 -2.02 23.01
CA LEU B 311 -14.33 -0.77 22.61
C LEU B 311 -15.30 0.31 22.16
N ASN B 312 -14.84 1.56 22.21
CA ASN B 312 -15.65 2.70 21.79
C ASN B 312 -15.08 3.20 20.47
N PRO B 313 -15.75 2.86 19.35
CA PRO B 313 -15.32 3.28 18.02
C PRO B 313 -15.30 4.79 17.81
N ASP B 314 -16.07 5.52 18.61
CA ASP B 314 -16.14 6.97 18.50
C ASP B 314 -14.81 7.62 18.84
N ASN B 315 -14.12 7.07 19.84
CA ASN B 315 -12.83 7.60 20.26
C ASN B 315 -11.81 6.51 20.54
N PRO B 316 -11.22 5.95 19.47
CA PRO B 316 -10.21 4.89 19.60
C PRO B 316 -9.03 5.41 20.41
N ARG B 317 -8.42 4.53 21.20
CA ARG B 317 -7.27 4.92 22.01
C ARG B 317 -6.17 5.56 21.17
N PHE B 318 -5.49 6.54 21.76
CA PHE B 318 -4.38 7.26 21.13
C PHE B 318 -4.70 8.16 19.95
N LEU B 319 -5.90 8.09 19.41
CA LEU B 319 -6.23 8.91 18.24
C LEU B 319 -6.84 10.28 18.49
N ASP B 320 -6.50 11.22 17.60
CA ASP B 320 -7.05 12.57 17.66
C ASP B 320 -7.99 12.66 16.48
N LYS B 321 -9.02 13.49 16.57
CA LYS B 321 -9.94 13.62 15.46
C LYS B 321 -9.21 14.25 14.29
N VAL B 322 -8.34 15.20 14.59
CA VAL B 322 -7.54 15.88 13.57
C VAL B 322 -6.07 15.79 13.93
N VAL B 323 -5.25 15.30 13.01
CA VAL B 323 -3.83 15.21 13.25
C VAL B 323 -3.19 16.56 12.97
N ARG B 324 -2.64 17.17 14.01
CA ARG B 324 -1.99 18.47 13.86
C ARG B 324 -0.55 18.40 14.32
N TRP B 325 0.26 19.31 13.79
CA TRP B 325 1.68 19.40 14.15
C TRP B 325 1.93 20.82 14.64
C1 F1P C . 7.19 -13.84 -6.00
C2 F1P C . 6.82 -14.53 -4.56
C3 F1P C . 7.94 -14.53 -3.52
C4 F1P C . 7.41 -15.30 -2.24
C5 F1P C . 6.99 -16.75 -2.52
C6 F1P C . 5.94 -16.74 -3.69
O1 F1P C . 8.32 -14.61 -6.55
O2 F1P C . 5.75 -13.89 -3.99
O3 F1P C . 8.33 -13.14 -3.19
O4 F1P C . 8.36 -15.34 -1.21
O5 F1P C . 8.26 -17.47 -2.79
O6 F1P C . 6.49 -15.93 -4.81
P1 F1P C . 9.04 -14.31 -7.92
O1P F1P C . 9.86 -13.08 -7.72
O2P F1P C . 9.74 -15.59 -8.24
O3P F1P C . 7.94 -13.96 -9.00
C1 EDO D . 27.97 4.70 -3.02
O1 EDO D . 27.54 6.06 -2.93
C2 EDO D . 29.18 4.58 -3.94
O2 EDO D . 28.86 5.06 -5.26
C1 EDO E . 5.25 4.61 -5.81
O1 EDO E . 4.79 4.12 -4.54
C2 EDO E . 5.93 3.50 -6.60
O2 EDO E . 5.02 2.42 -6.84
C1 F1P F . -7.49 12.45 8.28
C2 F1P F . -7.42 11.41 9.56
C3 F1P F . -8.69 10.58 9.84
C4 F1P F . -8.41 9.73 11.15
C5 F1P F . -8.10 10.57 12.39
C6 F1P F . -6.90 11.52 12.04
O1 F1P F . -8.58 13.40 8.54
O2 F1P F . -6.40 10.52 9.39
O3 F1P F . -8.99 9.71 8.69
O4 F1P F . -9.50 8.91 11.49
O5 F1P F . -9.38 11.24 12.72
O6 F1P F . -7.19 12.22 10.76
P1 F1P F . -9.01 14.57 7.56
O1P F1P F . -9.74 13.93 6.43
O2P F1P F . -9.76 15.52 8.43
O3P F1P F . -7.72 15.23 6.95
C1 EDO G . -17.16 -12.07 20.85
O1 EDO G . -18.48 -11.62 21.21
C2 EDO G . -17.08 -12.31 19.35
O2 EDO G . -18.02 -13.32 18.96
#